data_6Y2Q
#
_entry.id   6Y2Q
#
_cell.length_a   64.320
_cell.length_b   100.800
_cell.length_c   154.090
_cell.angle_alpha   90.000
_cell.angle_beta   90.000
_cell.angle_gamma   90.000
#
_symmetry.space_group_name_H-M   'P 21 21 21'
#
loop_
_entity.id
_entity.type
_entity.pdbx_description
1 polymer 'mRNA endoribonuclease toxin LS'
2 non-polymer 'CHLORIDE ION'
3 water water
#
_entity_poly.entity_id   1
_entity_poly.type   'polypeptide(L)'
_entity_poly.pdbx_seq_one_letter_code
;MTIRSYKNLNLVRANIETESRQFIENKNYSIQSIGPMPGSRAGLRVVFTRPGVNLATVDIFYNGDGSTTIQYLTGANRSL
GQELADHLFETINPAEFEQVNMVLQGFVETSVLPVLELSADESHIEFREHSRNAHTVVWKIISTSYQDELTVSLHITTGK
LQIQGRPLSCYRVFTFNLAALLDLQGLEKVLIRQEDGKANIVQQEVARTYLQTVMADAYPHLHVTAEKLLVSGLCVKLAA
PDLPDYCMLLYPELRTIEGVLKSKMSGLGMPVQQPAGFGTYFDKPAAHYILKPQFAATLRPEQINIISTAYTFFNVERHS
LFHMETVVDASRMISDMARLMGKATRAWGIIKDLYIV
;
_entity_poly.pdbx_strand_id   A,B
#
loop_
_chem_comp.id
_chem_comp.type
_chem_comp.name
_chem_comp.formula
CL non-polymer 'CHLORIDE ION' 'Cl -1'
#
# COMPACT_ATOMS: atom_id res chain seq x y z
CA ILE A 3 -22.92 -18.42 -20.79
C ILE A 3 -23.42 -16.97 -20.81
N ARG A 4 -23.42 -16.36 -22.00
CA ARG A 4 -23.85 -14.97 -22.15
C ARG A 4 -25.37 -14.94 -22.25
N SER A 5 -25.98 -13.97 -21.56
CA SER A 5 -27.43 -13.90 -21.46
C SER A 5 -27.95 -12.62 -22.09
N TYR A 6 -29.00 -12.75 -22.89
CA TYR A 6 -29.60 -11.64 -23.63
C TYR A 6 -30.90 -11.19 -23.00
N LYS A 7 -31.11 -11.50 -21.72
CA LYS A 7 -32.29 -11.07 -21.02
C LYS A 7 -32.02 -9.76 -20.29
N ASN A 8 -33.06 -8.93 -20.21
CA ASN A 8 -33.02 -7.67 -19.44
C ASN A 8 -31.82 -6.82 -19.80
N LEU A 9 -31.59 -6.66 -21.11
CA LEU A 9 -30.59 -5.72 -21.55
C LEU A 9 -31.18 -4.32 -21.46
N ASN A 10 -30.31 -3.33 -21.32
CA ASN A 10 -30.76 -1.94 -21.43
C ASN A 10 -30.26 -1.39 -22.75
N LEU A 11 -31.06 -1.63 -23.78
CA LEU A 11 -30.83 -1.12 -25.12
C LEU A 11 -31.66 0.14 -25.32
N VAL A 12 -31.20 1.01 -26.22
CA VAL A 12 -32.01 2.16 -26.61
C VAL A 12 -33.09 1.65 -27.55
N ARG A 13 -34.33 1.59 -27.08
CA ARG A 13 -35.38 0.92 -27.84
C ARG A 13 -35.60 1.58 -29.18
N ALA A 14 -35.73 2.91 -29.18
CA ALA A 14 -35.95 3.64 -30.43
C ALA A 14 -34.82 3.45 -31.43
N ASN A 15 -33.69 2.87 -30.99
CA ASN A 15 -32.56 2.63 -31.89
C ASN A 15 -32.44 1.18 -32.34
N ILE A 16 -33.21 0.25 -31.78
CA ILE A 16 -32.99 -1.15 -32.09
C ILE A 16 -33.18 -1.39 -33.59
N GLU A 17 -34.34 -1.02 -34.14
CA GLU A 17 -34.69 -1.41 -35.49
C GLU A 17 -33.67 -0.93 -36.50
N THR A 18 -33.45 0.39 -36.59
CA THR A 18 -32.43 0.90 -37.51
C THR A 18 -31.11 0.16 -37.33
N GLU A 19 -30.70 -0.06 -36.08
CA GLU A 19 -29.39 -0.67 -35.88
C GLU A 19 -29.36 -2.07 -36.46
N SER A 20 -30.40 -2.88 -36.20
CA SER A 20 -30.49 -4.19 -36.83
C SER A 20 -30.48 -4.06 -38.35
N ARG A 21 -31.23 -3.10 -38.89
CA ARG A 21 -31.23 -2.92 -40.34
C ARG A 21 -29.81 -2.70 -40.83
N GLN A 22 -29.03 -1.89 -40.10
CA GLN A 22 -27.71 -1.58 -40.62
C GLN A 22 -26.82 -2.82 -40.53
N PHE A 23 -27.03 -3.64 -39.51
CA PHE A 23 -26.32 -4.92 -39.44
C PHE A 23 -26.63 -5.73 -40.69
N ILE A 24 -27.92 -5.84 -41.03
CA ILE A 24 -28.31 -6.60 -42.21
C ILE A 24 -27.65 -6.04 -43.46
N GLU A 25 -27.50 -4.72 -43.55
CA GLU A 25 -26.91 -4.16 -44.76
C GLU A 25 -25.40 -4.27 -44.76
N ASN A 26 -24.77 -4.52 -43.60
CA ASN A 26 -23.33 -4.67 -43.56
C ASN A 26 -22.87 -6.09 -43.78
N LYS A 27 -23.74 -7.06 -43.53
CA LYS A 27 -23.45 -8.47 -43.79
C LYS A 27 -24.12 -8.96 -45.06
N ASN A 28 -24.60 -8.03 -45.89
CA ASN A 28 -25.34 -8.33 -47.11
C ASN A 28 -26.41 -9.39 -46.90
N TYR A 29 -27.04 -9.37 -45.73
CA TYR A 29 -28.19 -10.22 -45.49
C TYR A 29 -29.44 -9.61 -46.12
N SER A 30 -30.50 -10.39 -46.20
CA SER A 30 -31.75 -9.95 -46.81
C SER A 30 -32.89 -10.07 -45.82
N ILE A 31 -33.75 -9.06 -45.78
CA ILE A 31 -34.83 -8.99 -44.82
C ILE A 31 -36.03 -9.74 -45.37
N GLN A 32 -36.54 -10.70 -44.59
CA GLN A 32 -37.83 -11.29 -44.89
C GLN A 32 -38.96 -10.51 -44.25
N SER A 33 -38.73 -9.99 -43.04
CA SER A 33 -39.72 -9.15 -42.38
C SER A 33 -39.10 -8.44 -41.19
N ILE A 34 -39.50 -7.20 -40.97
CA ILE A 34 -39.14 -6.43 -39.77
C ILE A 34 -40.40 -5.70 -39.33
N GLY A 35 -40.89 -6.00 -38.13
CA GLY A 35 -42.12 -5.38 -37.72
C GLY A 35 -42.43 -5.50 -36.26
N PRO A 36 -43.54 -4.89 -35.84
CA PRO A 36 -43.96 -5.01 -34.44
C PRO A 36 -44.32 -6.45 -34.10
N MET A 37 -44.03 -6.83 -32.88
CA MET A 37 -44.28 -8.21 -32.50
C MET A 37 -45.77 -8.37 -32.22
N PRO A 38 -46.40 -9.40 -32.78
CA PRO A 38 -47.85 -9.56 -32.61
C PRO A 38 -48.19 -9.96 -31.18
N GLY A 39 -49.34 -9.49 -30.72
CA GLY A 39 -49.79 -9.77 -29.38
C GLY A 39 -49.65 -8.56 -28.47
N SER A 40 -50.04 -8.79 -27.21
CA SER A 40 -50.09 -7.72 -26.22
C SER A 40 -48.72 -7.09 -25.97
N ARG A 41 -47.71 -7.92 -25.69
CA ARG A 41 -46.41 -7.39 -25.34
C ARG A 41 -45.79 -6.73 -26.56
N ALA A 42 -45.34 -5.49 -26.41
CA ALA A 42 -44.76 -4.75 -27.52
C ALA A 42 -43.31 -5.13 -27.74
N GLY A 43 -42.87 -4.98 -28.98
CA GLY A 43 -41.51 -5.34 -29.33
C GLY A 43 -41.35 -5.41 -30.85
N LEU A 44 -40.35 -6.17 -31.27
CA LEU A 44 -39.96 -6.22 -32.67
C LEU A 44 -39.59 -7.64 -33.06
N ARG A 45 -40.05 -8.06 -34.25
CA ARG A 45 -39.69 -9.36 -34.82
C ARG A 45 -38.91 -9.12 -36.10
N VAL A 46 -37.71 -9.70 -36.16
CA VAL A 46 -36.80 -9.57 -37.28
C VAL A 46 -36.56 -10.95 -37.88
N VAL A 47 -36.98 -11.17 -39.12
CA VAL A 47 -36.72 -12.41 -39.83
C VAL A 47 -35.89 -12.07 -41.06
N PHE A 48 -34.64 -12.53 -41.08
CA PHE A 48 -33.70 -12.24 -42.13
C PHE A 48 -32.97 -13.51 -42.55
N THR A 49 -32.31 -13.46 -43.70
CA THR A 49 -31.64 -14.64 -44.22
C THR A 49 -30.56 -14.19 -45.18
N ARG A 50 -29.72 -15.14 -45.58
CA ARG A 50 -28.79 -15.04 -46.68
C ARG A 50 -28.95 -16.26 -47.55
N PRO A 51 -28.70 -16.16 -48.86
CA PRO A 51 -28.86 -17.32 -49.73
C PRO A 51 -27.95 -18.44 -49.28
N GLY A 52 -28.54 -19.60 -49.00
CA GLY A 52 -27.79 -20.78 -48.63
C GLY A 52 -28.19 -21.37 -47.28
N VAL A 53 -28.90 -20.62 -46.46
CA VAL A 53 -29.29 -21.06 -45.12
C VAL A 53 -30.76 -20.70 -44.91
N ASN A 54 -31.30 -21.10 -43.76
CA ASN A 54 -32.72 -20.90 -43.50
C ASN A 54 -32.96 -19.50 -42.97
N LEU A 55 -34.24 -19.20 -42.73
CA LEU A 55 -34.64 -17.90 -42.19
C LEU A 55 -34.36 -17.84 -40.70
N ALA A 56 -33.65 -16.80 -40.29
CA ALA A 56 -33.40 -16.53 -38.88
C ALA A 56 -34.50 -15.62 -38.37
N THR A 57 -35.08 -16.00 -37.23
CA THR A 57 -36.07 -15.21 -36.51
C THR A 57 -35.45 -14.75 -35.19
N VAL A 58 -35.50 -13.44 -34.94
CA VAL A 58 -35.06 -12.85 -33.69
C VAL A 58 -36.23 -12.06 -33.12
N ASP A 59 -36.69 -12.43 -31.94
CA ASP A 59 -37.77 -11.75 -31.25
C ASP A 59 -37.16 -10.85 -30.19
N ILE A 60 -37.55 -9.57 -30.18
CA ILE A 60 -37.01 -8.59 -29.27
C ILE A 60 -38.17 -8.01 -28.47
N PHE A 61 -38.36 -8.52 -27.25
CA PHE A 61 -39.44 -8.10 -26.38
C PHE A 61 -39.06 -6.88 -25.56
N TYR A 62 -40.01 -5.96 -25.40
CA TYR A 62 -39.86 -4.78 -24.55
C TYR A 62 -40.56 -5.06 -23.23
N ASN A 63 -39.80 -5.11 -22.14
CA ASN A 63 -40.34 -5.39 -20.81
C ASN A 63 -40.86 -4.11 -20.14
N GLY A 64 -41.52 -4.31 -18.99
CA GLY A 64 -42.13 -3.20 -18.26
C GLY A 64 -41.15 -2.32 -17.52
N ASP A 65 -39.96 -2.82 -17.20
CA ASP A 65 -38.97 -2.01 -16.52
C ASP A 65 -38.06 -1.25 -17.46
N GLY A 66 -38.41 -1.16 -18.75
CA GLY A 66 -37.60 -0.47 -19.73
C GLY A 66 -36.47 -1.28 -20.32
N SER A 67 -36.12 -2.41 -19.71
CA SER A 67 -35.24 -3.40 -20.32
C SER A 67 -35.78 -3.89 -21.67
N THR A 68 -34.92 -4.62 -22.37
CA THR A 68 -35.28 -5.39 -23.56
C THR A 68 -34.68 -6.79 -23.49
N THR A 69 -35.42 -7.78 -23.97
CA THR A 69 -34.96 -9.17 -24.02
C THR A 69 -34.89 -9.67 -25.44
N ILE A 70 -33.80 -10.34 -25.79
CA ILE A 70 -33.58 -10.90 -27.11
C ILE A 70 -33.72 -12.41 -27.05
N GLN A 71 -34.59 -12.95 -27.91
CA GLN A 71 -34.81 -14.37 -28.05
C GLN A 71 -34.36 -14.73 -29.47
N TYR A 72 -33.35 -15.58 -29.58
CA TYR A 72 -32.85 -15.99 -30.87
C TYR A 72 -32.98 -17.49 -31.11
N LEU A 73 -33.58 -18.23 -30.18
CA LEU A 73 -33.68 -19.69 -30.29
C LEU A 73 -35.00 -20.12 -30.90
N THR A 74 -35.73 -19.18 -31.49
CA THR A 74 -36.94 -19.46 -32.26
C THR A 74 -36.57 -19.67 -33.71
N GLY A 75 -37.50 -20.25 -34.46
CA GLY A 75 -37.30 -20.27 -35.88
C GLY A 75 -36.42 -21.43 -36.32
N ALA A 76 -35.87 -21.27 -37.52
CA ALA A 76 -35.14 -22.34 -38.17
C ALA A 76 -33.65 -22.06 -38.27
N ASN A 77 -33.15 -21.02 -37.63
CA ASN A 77 -31.73 -20.67 -37.78
C ASN A 77 -31.26 -19.97 -36.49
N ARG A 78 -30.85 -20.77 -35.50
CA ARG A 78 -30.39 -20.16 -34.26
C ARG A 78 -29.03 -19.50 -34.45
N SER A 79 -28.14 -20.16 -35.22
CA SER A 79 -26.81 -19.64 -35.49
C SER A 79 -26.83 -18.28 -36.16
N LEU A 80 -27.77 -18.07 -37.09
CA LEU A 80 -27.76 -16.78 -37.79
C LEU A 80 -28.34 -15.68 -36.93
N GLY A 81 -29.45 -15.95 -36.24
CA GLY A 81 -30.07 -14.90 -35.43
C GLY A 81 -29.19 -14.47 -34.28
N GLN A 82 -28.42 -15.40 -33.71
CA GLN A 82 -27.48 -15.01 -32.67
C GLN A 82 -26.46 -13.99 -33.14
N GLU A 83 -26.13 -13.95 -34.43
CA GLU A 83 -25.23 -12.91 -34.93
C GLU A 83 -25.82 -11.52 -34.68
N LEU A 84 -27.11 -11.36 -34.97
CA LEU A 84 -27.79 -10.10 -34.72
C LEU A 84 -27.92 -9.84 -33.22
N ALA A 85 -28.23 -10.88 -32.45
CA ALA A 85 -28.31 -10.72 -31.01
C ALA A 85 -27.00 -10.18 -30.44
N ASP A 86 -25.87 -10.74 -30.88
CA ASP A 86 -24.57 -10.30 -30.38
C ASP A 86 -24.25 -8.89 -30.83
N HIS A 87 -24.59 -8.53 -32.06
CA HIS A 87 -24.39 -7.14 -32.48
C HIS A 87 -25.11 -6.18 -31.55
N LEU A 88 -26.38 -6.47 -31.29
CA LEU A 88 -27.16 -5.62 -30.40
C LEU A 88 -26.55 -5.62 -29.00
N PHE A 89 -26.05 -6.78 -28.55
CA PHE A 89 -25.50 -6.90 -27.21
C PHE A 89 -24.24 -6.06 -27.05
N GLU A 90 -23.43 -5.98 -28.10
CA GLU A 90 -22.23 -5.16 -28.04
C GLU A 90 -22.51 -3.71 -28.42
N THR A 91 -23.78 -3.34 -28.57
CA THR A 91 -24.03 -1.90 -28.51
C THR A 91 -24.17 -1.36 -27.08
N ILE A 92 -24.01 -2.20 -26.04
CA ILE A 92 -24.16 -1.77 -24.66
C ILE A 92 -22.80 -1.60 -24.00
N ASN A 93 -22.65 -0.55 -23.19
CA ASN A 93 -21.43 -0.34 -22.41
C ASN A 93 -21.32 -1.40 -21.32
N PRO A 94 -20.17 -2.05 -21.16
CA PRO A 94 -20.06 -3.06 -20.09
C PRO A 94 -20.47 -2.52 -18.75
N ALA A 95 -20.23 -1.23 -18.51
CA ALA A 95 -20.60 -0.60 -17.25
C ALA A 95 -22.09 -0.64 -16.99
N GLU A 96 -22.91 -0.77 -18.03
CA GLU A 96 -24.36 -0.81 -17.83
C GLU A 96 -24.82 -2.15 -17.29
N PHE A 97 -23.94 -3.15 -17.21
CA PHE A 97 -24.29 -4.40 -16.57
C PHE A 97 -23.89 -4.42 -15.12
N GLU A 98 -23.29 -3.34 -14.63
CA GLU A 98 -22.86 -3.28 -13.24
C GLU A 98 -23.95 -2.59 -12.42
N GLN A 99 -23.83 -2.74 -11.10
CA GLN A 99 -24.83 -2.21 -10.20
C GLN A 99 -24.16 -1.67 -8.94
N VAL A 100 -24.45 -0.41 -8.60
CA VAL A 100 -23.89 0.21 -7.42
C VAL A 100 -25.00 0.49 -6.41
N ASN A 101 -24.73 0.17 -5.14
CA ASN A 101 -25.69 0.33 -4.05
C ASN A 101 -24.86 0.50 -2.77
N MET A 102 -24.43 1.74 -2.52
CA MET A 102 -23.55 2.06 -1.40
C MET A 102 -24.20 3.09 -0.48
N VAL A 103 -23.62 3.18 0.72
CA VAL A 103 -24.01 4.15 1.74
C VAL A 103 -22.75 4.81 2.27
N LEU A 104 -22.70 6.14 2.21
CA LEU A 104 -21.66 6.96 2.78
C LEU A 104 -22.18 7.63 4.05
N GLN A 105 -21.30 7.81 5.02
CA GLN A 105 -21.72 8.34 6.32
C GLN A 105 -21.40 9.83 6.44
N GLY A 106 -22.20 10.50 7.27
CA GLY A 106 -21.93 11.87 7.66
C GLY A 106 -22.23 12.94 6.64
N PHE A 107 -23.47 13.01 6.18
CA PHE A 107 -23.86 14.00 5.19
C PHE A 107 -25.08 14.72 5.71
N VAL A 108 -25.20 16.00 5.34
CA VAL A 108 -26.36 16.80 5.69
C VAL A 108 -26.90 17.42 4.41
N GLU A 109 -28.07 18.05 4.53
CA GLU A 109 -28.77 18.48 3.31
C GLU A 109 -28.05 19.62 2.64
N THR A 110 -27.39 20.46 3.44
CA THR A 110 -26.62 21.59 2.93
C THR A 110 -25.25 21.14 2.43
N SER A 111 -24.90 19.87 2.63
CA SER A 111 -23.69 19.29 2.06
C SER A 111 -23.95 18.56 0.75
N VAL A 112 -25.16 18.08 0.53
CA VAL A 112 -25.48 17.31 -0.67
C VAL A 112 -26.06 18.18 -1.77
N LEU A 113 -26.98 19.07 -1.40
CA LEU A 113 -27.56 19.99 -2.39
C LEU A 113 -26.51 20.71 -3.23
N PRO A 114 -25.44 21.29 -2.67
CA PRO A 114 -24.46 21.95 -3.54
C PRO A 114 -23.82 21.06 -4.59
N VAL A 115 -23.39 19.83 -4.26
CA VAL A 115 -22.71 18.99 -5.27
C VAL A 115 -23.70 18.41 -6.26
N LEU A 116 -24.92 18.18 -5.79
CA LEU A 116 -26.01 17.62 -6.64
C LEU A 116 -26.41 18.68 -7.67
N GLU A 117 -26.46 19.95 -7.24
CA GLU A 117 -26.82 21.07 -8.14
C GLU A 117 -25.61 21.39 -9.03
N LEU A 118 -24.40 21.25 -8.47
CA LEU A 118 -23.15 21.50 -9.25
C LEU A 118 -23.10 20.52 -10.41
N SER A 119 -23.50 19.26 -10.17
CA SER A 119 -23.51 18.24 -11.20
C SER A 119 -24.58 18.49 -12.25
N ALA A 120 -25.63 19.22 -11.90
CA ALA A 120 -26.69 19.56 -12.84
C ALA A 120 -26.37 20.81 -13.66
N ASP A 121 -25.18 21.40 -13.48
CA ASP A 121 -24.73 22.47 -14.35
C ASP A 121 -24.07 21.92 -15.61
N GLU A 122 -23.96 20.61 -15.73
CA GLU A 122 -23.58 19.97 -16.98
C GLU A 122 -24.72 20.01 -17.99
N SER A 123 -24.36 19.87 -19.26
CA SER A 123 -25.33 19.98 -20.34
C SER A 123 -26.20 18.73 -20.48
N HIS A 124 -25.76 17.60 -19.95
CA HIS A 124 -26.50 16.35 -20.10
C HIS A 124 -27.01 15.82 -18.77
N ILE A 125 -26.88 16.60 -17.69
CA ILE A 125 -27.29 16.19 -16.35
C ILE A 125 -28.28 17.21 -15.81
N GLU A 126 -29.39 16.73 -15.27
CA GLU A 126 -30.35 17.53 -14.53
C GLU A 126 -30.81 16.66 -13.37
N PHE A 127 -31.11 17.29 -12.24
CA PHE A 127 -31.60 16.60 -11.07
C PHE A 127 -32.93 17.19 -10.62
N ARG A 128 -33.63 16.45 -9.78
CA ARG A 128 -34.86 16.92 -9.17
C ARG A 128 -35.09 16.22 -7.84
N GLU A 129 -35.69 16.94 -6.91
CA GLU A 129 -36.09 16.37 -5.63
C GLU A 129 -37.24 15.41 -5.90
N HIS A 130 -37.01 14.11 -5.69
CA HIS A 130 -38.01 13.11 -6.03
C HIS A 130 -39.08 13.03 -4.97
N SER A 131 -38.68 12.84 -3.71
CA SER A 131 -39.64 12.84 -2.63
C SER A 131 -38.95 13.27 -1.34
N ARG A 132 -39.77 13.62 -0.35
CA ARG A 132 -39.21 13.97 0.95
C ARG A 132 -40.28 13.85 2.01
N ASN A 133 -39.92 13.22 3.13
CA ASN A 133 -40.75 13.28 4.31
C ASN A 133 -39.92 13.81 5.46
N ALA A 134 -40.20 13.37 6.66
CA ALA A 134 -39.47 13.89 7.80
C ALA A 134 -38.37 12.95 8.23
N HIS A 135 -38.15 11.84 7.52
CA HIS A 135 -37.07 10.98 7.96
C HIS A 135 -35.96 10.90 6.93
N THR A 136 -36.30 10.85 5.64
CA THR A 136 -35.32 10.81 4.56
C THR A 136 -35.83 11.61 3.36
N VAL A 137 -34.90 12.06 2.52
CA VAL A 137 -35.22 12.85 1.33
C VAL A 137 -34.46 12.27 0.14
N VAL A 138 -35.17 12.00 -0.95
CA VAL A 138 -34.62 11.32 -2.11
C VAL A 138 -34.62 12.27 -3.31
N TRP A 139 -33.47 12.32 -3.98
CA TRP A 139 -33.25 13.04 -5.23
C TRP A 139 -32.99 12.04 -6.34
N LYS A 140 -33.35 12.42 -7.56
CA LYS A 140 -32.97 11.64 -8.74
C LYS A 140 -32.17 12.53 -9.67
N ILE A 141 -31.14 11.94 -10.26
CA ILE A 141 -30.28 12.59 -11.26
C ILE A 141 -30.51 11.85 -12.57
N ILE A 142 -31.11 12.50 -13.56
CA ILE A 142 -31.35 11.85 -14.85
C ILE A 142 -30.45 12.49 -15.91
N SER A 143 -30.03 11.70 -16.88
CA SER A 143 -29.21 12.14 -17.99
C SER A 143 -30.05 12.38 -19.24
N THR A 144 -29.72 13.45 -19.96
CA THR A 144 -30.46 13.84 -21.15
C THR A 144 -30.07 13.01 -22.37
N SER A 145 -28.81 12.60 -22.48
CA SER A 145 -28.36 11.88 -23.66
C SER A 145 -28.56 10.37 -23.53
N TYR A 146 -28.08 9.77 -22.44
CA TYR A 146 -28.33 8.35 -22.19
C TYR A 146 -29.50 8.17 -21.24
N GLN A 147 -30.17 7.03 -21.36
CA GLN A 147 -31.28 6.65 -20.49
C GLN A 147 -30.70 6.17 -19.17
N ASP A 148 -30.41 7.12 -18.27
CA ASP A 148 -29.69 6.80 -17.04
C ASP A 148 -30.18 7.68 -15.90
N GLU A 149 -30.57 7.04 -14.79
CA GLU A 149 -31.02 7.76 -13.59
C GLU A 149 -30.29 7.22 -12.37
N LEU A 150 -29.87 8.12 -11.49
CA LEU A 150 -29.15 7.79 -10.26
C LEU A 150 -29.98 8.25 -9.07
N THR A 151 -30.17 7.37 -8.08
CA THR A 151 -31.00 7.69 -6.92
C THR A 151 -30.11 8.02 -5.73
N VAL A 152 -30.23 9.25 -5.23
CA VAL A 152 -29.43 9.74 -4.10
C VAL A 152 -30.37 10.02 -2.93
N SER A 153 -30.35 9.14 -1.93
CA SER A 153 -31.25 9.25 -0.78
C SER A 153 -30.48 9.60 0.48
N LEU A 154 -30.86 10.70 1.14
CA LEU A 154 -30.22 11.13 2.39
C LEU A 154 -31.18 10.90 3.56
N HIS A 155 -30.80 10.00 4.45
CA HIS A 155 -31.54 9.76 5.70
C HIS A 155 -31.08 10.79 6.73
N ILE A 156 -31.95 11.78 6.96
CA ILE A 156 -31.67 12.93 7.81
C ILE A 156 -31.27 12.50 9.21
N THR A 157 -32.09 11.67 9.86
CA THR A 157 -31.91 11.37 11.28
C THR A 157 -30.59 10.63 11.53
N THR A 158 -30.18 9.77 10.60
CA THR A 158 -28.90 9.08 10.71
C THR A 158 -27.83 9.74 9.85
N GLY A 159 -28.19 10.74 9.06
CA GLY A 159 -27.24 11.42 8.20
C GLY A 159 -26.53 10.53 7.21
N LYS A 160 -27.18 9.47 6.72
CA LYS A 160 -26.50 8.58 5.78
C LYS A 160 -27.01 8.79 4.37
N LEU A 161 -26.07 8.86 3.43
CA LEU A 161 -26.36 9.16 2.04
C LEU A 161 -26.12 7.89 1.25
N GLN A 162 -27.15 7.40 0.57
CA GLN A 162 -27.02 6.17 -0.19
C GLN A 162 -27.24 6.45 -1.67
N ILE A 163 -26.44 5.79 -2.50
CA ILE A 163 -26.43 5.99 -3.93
C ILE A 163 -26.77 4.67 -4.59
N GLN A 164 -27.81 4.68 -5.43
CA GLN A 164 -28.27 3.48 -6.11
C GLN A 164 -28.33 3.73 -7.60
N GLY A 165 -27.91 2.70 -8.36
CA GLY A 165 -28.02 2.72 -9.81
C GLY A 165 -26.89 2.04 -10.55
N ARG A 166 -26.40 2.67 -11.64
CA ARG A 166 -25.36 2.06 -12.44
C ARG A 166 -24.21 3.04 -12.60
N PRO A 167 -22.96 2.53 -12.66
CA PRO A 167 -21.79 3.42 -12.73
C PRO A 167 -21.65 4.07 -14.08
N LEU A 168 -22.62 4.90 -14.47
CA LEU A 168 -22.61 5.50 -15.78
C LEU A 168 -22.32 6.99 -15.63
N SER A 169 -22.99 7.80 -16.46
CA SER A 169 -22.67 9.20 -16.68
C SER A 169 -22.99 10.05 -15.45
N CYS A 170 -24.15 9.78 -14.86
CA CYS A 170 -24.58 10.51 -13.68
C CYS A 170 -23.69 10.15 -12.49
N TYR A 171 -23.44 8.86 -12.29
CA TYR A 171 -22.56 8.44 -11.20
C TYR A 171 -21.22 9.14 -11.29
N ARG A 172 -20.65 9.22 -12.50
CA ARG A 172 -19.32 9.79 -12.64
C ARG A 172 -19.33 11.28 -12.30
N VAL A 173 -20.30 12.02 -12.83
CA VAL A 173 -20.33 13.46 -12.53
C VAL A 173 -20.54 13.71 -11.05
N PHE A 174 -21.52 13.01 -10.45
CA PHE A 174 -21.82 13.22 -9.04
C PHE A 174 -20.64 12.87 -8.15
N THR A 175 -20.08 11.67 -8.30
CA THR A 175 -18.96 11.29 -7.45
C THR A 175 -17.75 12.20 -7.69
N PHE A 176 -17.58 12.70 -8.92
CA PHE A 176 -16.49 13.64 -9.16
C PHE A 176 -16.67 14.89 -8.31
N ASN A 177 -17.86 15.48 -8.35
CA ASN A 177 -18.08 16.67 -7.53
C ASN A 177 -18.05 16.36 -6.03
N LEU A 178 -18.29 15.11 -5.65
CA LEU A 178 -18.35 14.68 -4.27
C LEU A 178 -17.00 14.28 -3.66
N ALA A 179 -15.99 13.99 -4.49
CA ALA A 179 -14.75 13.43 -3.97
C ALA A 179 -13.97 14.39 -3.09
N ALA A 180 -14.12 15.70 -3.28
CA ALA A 180 -13.35 16.65 -2.47
C ALA A 180 -13.74 16.57 -1.00
N LEU A 181 -14.98 16.14 -0.72
CA LEU A 181 -15.53 16.15 0.63
C LEU A 181 -15.33 14.87 1.40
N LEU A 182 -14.80 13.82 0.78
CA LEU A 182 -14.89 12.52 1.41
C LEU A 182 -13.66 12.23 2.25
N ASP A 183 -13.82 11.31 3.19
CA ASP A 183 -12.68 10.76 3.92
C ASP A 183 -12.08 9.64 3.06
N LEU A 184 -11.09 8.94 3.60
CA LEU A 184 -10.41 7.90 2.83
C LEU A 184 -11.37 6.76 2.49
N GLN A 185 -12.17 6.31 3.46
CA GLN A 185 -12.99 5.14 3.21
C GLN A 185 -14.12 5.45 2.23
N GLY A 186 -14.74 6.63 2.37
CA GLY A 186 -15.75 7.04 1.40
C GLY A 186 -15.18 7.28 0.02
N LEU A 187 -14.00 7.91 -0.05
CA LEU A 187 -13.34 8.09 -1.34
C LEU A 187 -13.11 6.74 -2.01
N GLU A 188 -12.58 5.77 -1.28
CA GLU A 188 -12.35 4.47 -1.91
C GLU A 188 -13.66 3.80 -2.30
N LYS A 189 -14.72 4.02 -1.51
CA LYS A 189 -16.03 3.47 -1.85
C LYS A 189 -16.49 3.99 -3.20
N VAL A 190 -16.47 5.30 -3.38
CA VAL A 190 -16.98 5.83 -4.64
C VAL A 190 -16.05 5.51 -5.80
N LEU A 191 -14.74 5.33 -5.55
CA LEU A 191 -13.82 5.15 -6.67
C LEU A 191 -13.74 3.70 -7.14
N ILE A 192 -13.87 2.72 -6.25
CA ILE A 192 -13.82 1.32 -6.66
C ILE A 192 -15.18 0.65 -6.65
N ARG A 193 -16.22 1.32 -6.14
CA ARG A 193 -17.59 0.82 -6.18
C ARG A 193 -17.69 -0.58 -5.59
N GLN A 194 -16.92 -0.79 -4.53
CA GLN A 194 -16.96 -2.00 -3.70
C GLN A 194 -16.91 -1.57 -2.25
N GLU A 195 -17.64 -2.29 -1.41
CA GLU A 195 -17.49 -2.14 0.03
C GLU A 195 -16.38 -3.07 0.51
N ASP A 196 -15.99 -2.91 1.78
CA ASP A 196 -14.97 -3.75 2.41
C ASP A 196 -13.60 -3.57 1.74
N GLY A 197 -13.36 -2.40 1.16
CA GLY A 197 -12.05 -2.08 0.63
C GLY A 197 -10.99 -2.01 1.72
N LYS A 198 -9.72 -2.01 1.28
CA LYS A 198 -8.60 -2.09 2.21
C LYS A 198 -7.60 -0.94 2.04
N ALA A 199 -8.09 0.27 1.74
CA ALA A 199 -7.20 1.43 1.69
C ALA A 199 -6.75 1.90 3.07
N ASN A 200 -7.54 1.63 4.12
CA ASN A 200 -7.22 2.11 5.46
C ASN A 200 -6.02 1.39 6.07
N ILE A 201 -5.60 0.25 5.51
CA ILE A 201 -4.44 -0.44 6.05
C ILE A 201 -3.14 0.02 5.40
N VAL A 202 -3.20 0.81 4.34
CA VAL A 202 -2.00 1.38 3.75
C VAL A 202 -1.33 2.31 4.76
N GLN A 203 -0.07 2.04 5.05
CA GLN A 203 0.73 2.90 5.92
C GLN A 203 0.83 4.27 5.30
N GLN A 204 0.18 5.23 5.94
CA GLN A 204 0.08 6.59 5.44
C GLN A 204 1.47 7.24 5.37
N GLU A 205 2.45 6.75 6.15
CA GLU A 205 3.76 7.42 6.07
C GLU A 205 4.59 6.98 4.87
N VAL A 206 4.49 5.71 4.47
CA VAL A 206 5.22 5.27 3.28
C VAL A 206 4.60 5.89 2.03
N ALA A 207 3.27 5.98 1.99
CA ALA A 207 2.64 6.67 0.88
C ALA A 207 3.05 8.13 0.85
N ARG A 208 3.15 8.74 2.03
CA ARG A 208 3.50 10.14 2.07
C ARG A 208 4.94 10.36 1.61
N THR A 209 5.84 9.40 1.85
CA THR A 209 7.19 9.52 1.30
C THR A 209 7.20 9.31 -0.21
N TYR A 210 6.33 8.44 -0.73
CA TYR A 210 6.15 8.36 -2.18
C TYR A 210 5.83 9.74 -2.74
N LEU A 211 4.85 10.40 -2.15
CA LEU A 211 4.46 11.72 -2.64
C LEU A 211 5.59 12.73 -2.50
N GLN A 212 6.22 12.76 -1.32
CA GLN A 212 7.34 13.66 -1.07
C GLN A 212 8.45 13.47 -2.08
N THR A 213 8.65 12.24 -2.56
CA THR A 213 9.66 11.99 -3.59
C THR A 213 9.22 12.52 -4.95
N VAL A 214 7.96 12.27 -5.33
CA VAL A 214 7.54 12.63 -6.68
C VAL A 214 7.26 14.13 -6.82
N MET A 215 7.13 14.87 -5.72
CA MET A 215 6.78 16.28 -5.78
C MET A 215 7.97 17.20 -5.51
N ALA A 216 9.17 16.64 -5.30
CA ALA A 216 10.41 17.39 -5.16
C ALA A 216 10.22 18.67 -4.35
N ASP A 217 10.45 19.83 -4.98
CA ASP A 217 10.38 21.10 -4.27
C ASP A 217 8.95 21.54 -3.97
N ALA A 218 7.97 21.02 -4.70
CA ALA A 218 6.61 21.47 -4.48
C ALA A 218 6.02 20.93 -3.18
N TYR A 219 6.56 19.83 -2.65
CA TYR A 219 5.98 19.25 -1.45
C TYR A 219 5.84 20.21 -0.27
N PRO A 220 6.80 21.10 0.03
CA PRO A 220 6.60 22.03 1.16
C PRO A 220 5.56 23.11 0.92
N HIS A 221 5.23 23.45 -0.33
CA HIS A 221 4.24 24.49 -0.58
C HIS A 221 2.86 23.96 -1.00
N LEU A 222 2.71 22.65 -1.14
CA LEU A 222 1.39 22.06 -1.34
C LEU A 222 0.46 22.45 -0.19
N HIS A 223 -0.78 22.79 -0.52
CA HIS A 223 -1.77 23.05 0.50
C HIS A 223 -2.12 21.74 1.20
N VAL A 224 -2.51 21.84 2.48
CA VAL A 224 -2.73 20.63 3.25
C VAL A 224 -3.97 19.90 2.74
N THR A 225 -4.94 20.65 2.22
CA THR A 225 -6.01 20.10 1.40
C THR A 225 -5.47 19.26 0.25
N ALA A 226 -4.57 19.85 -0.55
CA ALA A 226 -4.06 19.15 -1.72
C ALA A 226 -3.28 17.92 -1.32
N GLU A 227 -2.50 17.99 -0.23
CA GLU A 227 -1.64 16.87 0.12
C GLU A 227 -2.46 15.73 0.69
N LYS A 228 -3.56 16.07 1.34
CA LYS A 228 -4.41 15.04 1.93
C LYS A 228 -5.24 14.36 0.86
N LEU A 229 -5.59 15.10 -0.20
CA LEU A 229 -6.30 14.45 -1.29
C LEU A 229 -5.36 13.62 -2.14
N LEU A 230 -4.09 14.02 -2.22
CA LEU A 230 -3.16 13.23 -3.00
C LEU A 230 -2.76 11.95 -2.26
N VAL A 231 -2.54 12.03 -0.94
CA VAL A 231 -2.21 10.79 -0.23
C VAL A 231 -3.43 9.85 -0.17
N SER A 232 -4.65 10.39 -0.09
CA SER A 232 -5.81 9.51 -0.14
C SER A 232 -5.92 8.81 -1.49
N GLY A 233 -5.63 9.54 -2.57
CA GLY A 233 -5.60 8.89 -3.88
C GLY A 233 -4.52 7.83 -3.96
N LEU A 234 -3.34 8.13 -3.43
CA LEU A 234 -2.26 7.16 -3.44
C LEU A 234 -2.66 5.88 -2.70
N CYS A 235 -3.37 6.03 -1.58
CA CYS A 235 -3.69 4.83 -0.80
C CYS A 235 -4.90 4.08 -1.35
N VAL A 236 -5.77 4.75 -2.11
CA VAL A 236 -6.77 3.96 -2.83
C VAL A 236 -6.13 3.21 -4.00
N LYS A 237 -5.12 3.81 -4.66
CA LYS A 237 -4.52 3.07 -5.77
C LYS A 237 -3.71 1.89 -5.26
N LEU A 238 -2.96 2.08 -4.16
CA LEU A 238 -2.10 1.00 -3.67
C LEU A 238 -2.91 -0.19 -3.18
N ALA A 239 -4.14 0.05 -2.73
CA ALA A 239 -5.01 -1.00 -2.21
C ALA A 239 -6.13 -1.35 -3.17
N ALA A 240 -6.01 -0.98 -4.43
CA ALA A 240 -7.11 -1.20 -5.35
C ALA A 240 -7.31 -2.70 -5.55
N PRO A 241 -8.54 -3.17 -5.58
CA PRO A 241 -8.75 -4.57 -5.91
C PRO A 241 -8.59 -4.72 -7.41
N ASP A 242 -9.02 -5.85 -7.90
CA ASP A 242 -8.73 -6.21 -9.26
C ASP A 242 -10.00 -5.93 -10.07
N LEU A 243 -9.89 -5.05 -11.09
CA LEU A 243 -11.07 -4.40 -11.67
C LEU A 243 -11.03 -4.35 -13.20
N PRO A 244 -12.20 -4.30 -13.84
CA PRO A 244 -12.20 -4.15 -15.32
C PRO A 244 -11.79 -2.77 -15.80
N ASP A 245 -12.03 -1.72 -15.02
CA ASP A 245 -11.63 -0.37 -15.40
C ASP A 245 -11.14 0.38 -14.17
N TYR A 246 -9.96 0.98 -14.27
CA TYR A 246 -9.31 1.69 -13.17
C TYR A 246 -9.36 3.21 -13.31
N CYS A 247 -10.20 3.74 -14.20
CA CYS A 247 -9.97 5.11 -14.64
C CYS A 247 -10.49 6.13 -13.65
N MET A 248 -11.47 5.76 -12.83
CA MET A 248 -11.90 6.68 -11.79
C MET A 248 -10.85 6.91 -10.73
N LEU A 249 -9.87 6.00 -10.60
CA LEU A 249 -8.76 6.27 -9.69
C LEU A 249 -8.02 7.56 -10.04
N LEU A 250 -8.29 8.18 -11.19
CA LEU A 250 -7.63 9.44 -11.47
C LEU A 250 -8.31 10.63 -10.81
N TYR A 251 -9.47 10.43 -10.16
CA TYR A 251 -10.22 11.54 -9.58
C TYR A 251 -9.41 12.39 -8.60
N PRO A 252 -8.70 11.81 -7.62
CA PRO A 252 -8.01 12.68 -6.64
C PRO A 252 -7.07 13.68 -7.26
N GLU A 253 -6.37 13.33 -8.33
CA GLU A 253 -5.44 14.28 -8.93
C GLU A 253 -6.17 15.34 -9.73
N LEU A 254 -7.18 14.93 -10.52
CA LEU A 254 -7.89 15.90 -11.35
C LEU A 254 -8.47 17.03 -10.50
N ARG A 255 -9.22 16.68 -9.46
CA ARG A 255 -9.75 17.73 -8.58
C ARG A 255 -8.62 18.57 -8.00
N THR A 256 -7.49 17.93 -7.66
CA THR A 256 -6.39 18.72 -7.08
C THR A 256 -5.84 19.70 -8.10
N ILE A 257 -5.71 19.28 -9.36
CA ILE A 257 -5.32 20.25 -10.39
C ILE A 257 -6.35 21.37 -10.43
N GLU A 258 -7.64 21.00 -10.48
CA GLU A 258 -8.70 22.00 -10.51
C GLU A 258 -8.58 22.92 -9.31
N GLY A 259 -8.14 22.39 -8.17
CA GLY A 259 -7.93 23.25 -7.02
C GLY A 259 -6.79 24.18 -7.33
N VAL A 260 -5.61 23.60 -7.59
CA VAL A 260 -4.39 24.41 -7.69
C VAL A 260 -4.55 25.42 -8.82
N LEU A 261 -4.94 24.93 -10.00
CA LEU A 261 -5.21 25.83 -11.11
C LEU A 261 -6.17 26.93 -10.70
N LYS A 262 -7.35 26.56 -10.16
CA LYS A 262 -8.35 27.59 -9.89
C LYS A 262 -7.89 28.61 -8.86
N SER A 263 -6.89 28.28 -8.04
CA SER A 263 -6.43 29.26 -7.08
C SER A 263 -5.07 29.83 -7.42
N LYS A 264 -4.36 29.29 -8.41
CA LYS A 264 -3.17 30.02 -8.85
C LYS A 264 -3.55 31.09 -9.86
N MET A 265 -4.54 30.81 -10.73
CA MET A 265 -5.12 31.88 -11.53
C MET A 265 -5.94 32.86 -10.68
N SER A 266 -6.37 32.44 -9.48
CA SER A 266 -7.03 33.38 -8.59
C SER A 266 -6.06 34.43 -8.05
N GLY A 267 -4.78 34.08 -7.93
CA GLY A 267 -3.77 35.00 -7.42
C GLY A 267 -3.20 35.95 -8.44
N LEU A 268 -3.50 35.76 -9.72
CA LEU A 268 -3.06 36.64 -10.80
C LEU A 268 -4.24 37.22 -11.56
N GLY A 269 -5.27 37.64 -10.83
CA GLY A 269 -6.36 38.44 -11.37
C GLY A 269 -7.22 37.76 -12.40
N MET A 270 -7.45 36.45 -12.26
CA MET A 270 -8.35 35.72 -13.16
C MET A 270 -9.21 34.75 -12.36
N PRO A 271 -10.07 35.26 -11.48
CA PRO A 271 -10.95 34.37 -10.71
C PRO A 271 -11.95 33.67 -11.63
N VAL A 272 -12.19 32.39 -11.34
CA VAL A 272 -13.05 31.55 -12.15
C VAL A 272 -14.45 31.56 -11.56
N GLN A 273 -15.45 31.82 -12.41
CA GLN A 273 -16.84 31.90 -11.99
C GLN A 273 -17.56 30.60 -12.32
N GLN A 274 -18.84 30.53 -11.93
CA GLN A 274 -19.66 29.34 -12.16
C GLN A 274 -20.33 29.29 -13.52
N PRO A 275 -20.95 30.40 -14.02
CA PRO A 275 -21.69 30.31 -15.30
C PRO A 275 -20.80 29.92 -16.47
N ALA A 276 -19.74 30.69 -16.68
CA ALA A 276 -18.78 30.44 -17.79
C ALA A 276 -17.71 29.45 -17.33
N GLY A 277 -16.91 29.83 -16.34
CA GLY A 277 -15.83 28.96 -15.81
C GLY A 277 -14.49 29.25 -16.47
N PHE A 278 -13.89 28.22 -17.07
CA PHE A 278 -12.57 28.38 -17.75
C PHE A 278 -12.80 28.58 -19.25
N GLY A 279 -14.07 28.72 -19.66
CA GLY A 279 -14.41 28.93 -21.08
C GLY A 279 -14.15 30.36 -21.52
N THR A 280 -14.06 31.28 -20.55
CA THR A 280 -13.81 32.72 -20.86
C THR A 280 -12.34 33.05 -20.56
N TYR A 281 -11.46 32.05 -20.63
CA TYR A 281 -10.01 32.25 -20.36
C TYR A 281 -9.18 31.59 -21.47
N PHE A 282 -9.46 30.32 -21.75
CA PHE A 282 -8.73 29.56 -22.80
C PHE A 282 -9.66 29.31 -23.99
N ASP A 283 -9.08 29.01 -25.16
CA ASP A 283 -9.87 28.73 -26.39
C ASP A 283 -9.84 27.23 -26.68
N LYS A 284 -10.20 26.84 -27.91
CA LYS A 284 -10.21 25.40 -28.30
C LYS A 284 -9.47 25.23 -29.62
N PRO A 285 -8.14 25.49 -29.68
CA PRO A 285 -7.37 25.35 -30.92
C PRO A 285 -6.97 23.88 -31.16
N ALA A 286 -7.18 23.39 -32.38
CA ALA A 286 -6.84 21.99 -32.76
C ALA A 286 -7.43 21.03 -31.72
N ALA A 287 -6.55 20.43 -30.90
CA ALA A 287 -7.00 19.47 -29.85
C ALA A 287 -6.39 19.87 -28.50
N HIS A 288 -5.81 21.07 -28.43
CA HIS A 288 -5.20 21.57 -27.17
C HIS A 288 -6.03 22.73 -26.60
N TYR A 289 -5.57 23.33 -25.51
CA TYR A 289 -6.29 24.47 -24.87
C TYR A 289 -5.28 25.59 -24.56
N ILE A 290 -5.24 26.60 -25.44
CA ILE A 290 -4.30 27.76 -25.25
C ILE A 290 -5.08 28.92 -24.62
N LEU A 291 -4.38 29.77 -23.86
CA LEU A 291 -5.01 30.94 -23.19
C LEU A 291 -5.30 32.03 -24.24
N LYS A 292 -6.28 32.90 -23.96
CA LYS A 292 -6.62 33.96 -24.90
C LYS A 292 -5.58 35.07 -24.83
N PRO A 293 -5.33 35.75 -25.95
CA PRO A 293 -4.21 36.72 -25.99
C PRO A 293 -4.37 37.86 -24.99
N GLN A 294 -5.61 38.28 -24.73
CA GLN A 294 -5.85 39.36 -23.78
C GLN A 294 -5.33 39.00 -22.39
N PHE A 295 -5.43 37.73 -22.01
CA PHE A 295 -4.90 37.25 -20.75
C PHE A 295 -3.44 36.78 -20.84
N ALA A 296 -3.01 36.27 -21.99
CA ALA A 296 -1.62 35.84 -22.13
C ALA A 296 -0.65 37.01 -22.14
N ALA A 297 -1.09 38.19 -22.57
CA ALA A 297 -0.18 39.33 -22.67
C ALA A 297 0.15 39.97 -21.31
N THR A 298 -0.51 39.57 -20.22
CA THR A 298 -0.17 40.11 -18.91
C THR A 298 0.79 39.21 -18.12
N LEU A 299 0.95 37.95 -18.50
CA LEU A 299 1.68 36.98 -17.73
C LEU A 299 3.08 36.79 -18.31
N ARG A 300 3.80 35.79 -17.81
CA ARG A 300 5.14 35.43 -18.25
C ARG A 300 5.08 34.24 -19.19
N PRO A 301 6.16 33.97 -19.95
CA PRO A 301 6.04 32.95 -21.01
C PRO A 301 5.87 31.53 -20.50
N GLU A 302 6.45 31.18 -19.33
CA GLU A 302 6.18 29.86 -18.79
C GLU A 302 4.79 29.81 -18.19
N GLN A 303 4.29 30.93 -17.65
CA GLN A 303 3.00 30.89 -16.97
C GLN A 303 1.86 30.65 -17.95
N ILE A 304 1.97 31.16 -19.18
CA ILE A 304 0.90 30.95 -20.15
C ILE A 304 0.79 29.48 -20.50
N ASN A 305 1.92 28.79 -20.61
CA ASN A 305 1.91 27.40 -21.03
C ASN A 305 1.67 26.44 -19.87
N ILE A 306 2.20 26.73 -18.67
CA ILE A 306 1.77 25.96 -17.50
C ILE A 306 0.25 25.95 -17.44
N ILE A 307 -0.38 27.13 -17.63
CA ILE A 307 -1.82 27.15 -17.43
C ILE A 307 -2.57 26.45 -18.56
N SER A 308 -2.20 26.73 -19.80
CA SER A 308 -2.90 26.06 -20.89
C SER A 308 -2.69 24.53 -20.89
N THR A 309 -1.46 24.02 -20.73
CA THR A 309 -1.31 22.56 -20.69
C THR A 309 -1.98 21.94 -19.45
N ALA A 310 -1.96 22.63 -18.31
CA ALA A 310 -2.66 22.11 -17.13
C ALA A 310 -4.17 22.03 -17.37
N TYR A 311 -4.77 23.12 -17.85
CA TYR A 311 -6.20 23.10 -18.09
C TYR A 311 -6.57 22.12 -19.19
N THR A 312 -5.71 21.98 -20.21
CA THR A 312 -5.98 21.02 -21.27
C THR A 312 -6.06 19.61 -20.73
N PHE A 313 -5.07 19.22 -19.92
CA PHE A 313 -5.09 17.90 -19.31
C PHE A 313 -6.34 17.70 -18.47
N PHE A 314 -6.62 18.66 -17.56
CA PHE A 314 -7.80 18.57 -16.72
C PHE A 314 -9.06 18.42 -17.57
N ASN A 315 -9.22 19.31 -18.55
CA ASN A 315 -10.46 19.40 -19.32
C ASN A 315 -10.72 18.13 -20.11
N VAL A 316 -9.70 17.63 -20.82
CA VAL A 316 -10.00 16.51 -21.70
C VAL A 316 -10.07 15.21 -20.91
N GLU A 317 -9.41 15.14 -19.74
CA GLU A 317 -9.57 13.92 -18.97
C GLU A 317 -10.90 13.91 -18.23
N ARG A 318 -11.42 15.09 -17.89
CA ARG A 318 -12.77 15.15 -17.35
C ARG A 318 -13.83 14.86 -18.42
N HIS A 319 -13.61 15.37 -19.63
CA HIS A 319 -14.57 15.07 -20.70
C HIS A 319 -14.61 13.59 -21.00
N SER A 320 -13.44 12.93 -20.99
CA SER A 320 -13.41 11.52 -21.32
C SER A 320 -13.95 10.66 -20.19
N LEU A 321 -13.80 11.11 -18.94
CA LEU A 321 -14.38 10.35 -17.82
C LEU A 321 -15.90 10.55 -17.71
N PHE A 322 -16.41 11.74 -18.05
CA PHE A 322 -17.84 12.00 -17.87
C PHE A 322 -18.70 11.37 -18.95
N HIS A 323 -18.17 11.21 -20.17
CA HIS A 323 -18.96 10.71 -21.28
C HIS A 323 -18.60 9.29 -21.68
N MET A 324 -17.85 8.59 -20.83
CA MET A 324 -17.49 7.18 -21.05
C MET A 324 -16.80 6.98 -22.41
N GLU A 325 -15.62 7.59 -22.51
CA GLU A 325 -14.85 7.53 -23.77
C GLU A 325 -14.48 6.10 -24.12
N THR A 326 -13.85 5.37 -23.19
CA THR A 326 -13.54 3.97 -23.43
C THR A 326 -14.79 3.11 -23.33
N ASP A 336 -5.73 -1.79 -17.50
CA ASP A 336 -4.29 -1.87 -17.24
C ASP A 336 -3.82 -0.77 -16.30
N MET A 337 -3.55 -1.16 -15.05
CA MET A 337 -3.08 -0.21 -14.01
C MET A 337 -1.88 0.58 -14.54
N ALA A 338 -1.12 -0.02 -15.47
CA ALA A 338 0.06 0.64 -16.06
C ALA A 338 -0.36 1.95 -16.73
N ARG A 339 -1.46 1.91 -17.50
CA ARG A 339 -1.98 3.11 -18.21
C ARG A 339 -2.43 4.14 -17.17
N LEU A 340 -3.19 3.72 -16.16
CA LEU A 340 -3.68 4.62 -15.09
C LEU A 340 -2.48 5.29 -14.41
N MET A 341 -1.45 4.51 -14.09
CA MET A 341 -0.23 5.04 -13.43
C MET A 341 0.45 6.04 -14.38
N GLY A 342 0.49 5.72 -15.67
CA GLY A 342 1.11 6.60 -16.68
C GLY A 342 0.53 8.01 -16.63
N LYS A 343 -0.80 8.11 -16.56
CA LYS A 343 -1.49 9.43 -16.50
C LYS A 343 -1.26 10.05 -15.12
N ALA A 344 -1.18 9.21 -14.08
CA ALA A 344 -0.97 9.69 -12.69
C ALA A 344 0.35 10.45 -12.62
N THR A 345 1.41 9.90 -13.23
CA THR A 345 2.75 10.56 -13.22
C THR A 345 2.67 11.90 -13.96
N ARG A 346 1.89 11.95 -15.06
CA ARG A 346 1.73 13.18 -15.86
C ARG A 346 0.96 14.22 -15.03
N ALA A 347 0.01 13.75 -14.22
CA ALA A 347 -0.80 14.65 -13.36
C ALA A 347 0.08 15.25 -12.25
N TRP A 348 0.94 14.43 -11.65
CA TRP A 348 1.83 14.88 -10.58
C TRP A 348 2.85 15.87 -11.12
N GLY A 349 3.39 15.60 -12.31
CA GLY A 349 4.27 16.57 -12.93
C GLY A 349 3.58 17.90 -13.15
N ILE A 350 2.32 17.86 -13.60
CA ILE A 350 1.59 19.10 -13.84
C ILE A 350 1.42 19.89 -12.54
N ILE A 351 0.96 19.23 -11.47
CA ILE A 351 0.68 19.96 -10.25
C ILE A 351 1.95 20.56 -9.65
N LYS A 352 3.10 19.89 -9.80
CA LYS A 352 4.29 20.48 -9.20
C LYS A 352 4.86 21.56 -10.10
N ASP A 353 4.63 21.46 -11.41
CA ASP A 353 4.96 22.58 -12.30
C ASP A 353 4.13 23.81 -11.96
N LEU A 354 2.86 23.62 -11.56
CA LEU A 354 2.09 24.80 -11.19
C LEU A 354 2.53 25.34 -9.85
N TYR A 355 3.06 24.49 -8.96
CA TYR A 355 3.59 25.07 -7.73
C TYR A 355 4.96 25.71 -7.94
N ILE A 356 5.73 25.23 -8.91
CA ILE A 356 7.07 25.76 -9.16
C ILE A 356 7.06 26.94 -10.13
N VAL A 357 5.90 27.25 -10.73
CA VAL A 357 5.80 28.41 -11.61
C VAL A 357 4.73 29.37 -11.13
N ILE B 3 -0.03 -2.20 34.50
CA ILE B 3 1.05 -1.46 33.84
C ILE B 3 2.28 -2.35 33.71
N ARG B 4 3.32 -2.04 34.50
CA ARG B 4 4.57 -2.78 34.49
C ARG B 4 4.53 -3.91 35.52
N SER B 5 4.95 -5.11 35.11
CA SER B 5 4.94 -6.27 35.99
C SER B 5 6.33 -6.90 36.04
N TYR B 6 6.79 -7.25 37.25
CA TYR B 6 8.13 -7.78 37.45
C TYR B 6 8.14 -9.28 37.70
N LYS B 7 7.11 -10.00 37.28
CA LYS B 7 7.10 -11.44 37.44
C LYS B 7 7.72 -12.08 36.22
N ASN B 8 8.41 -13.19 36.44
CA ASN B 8 9.00 -13.99 35.37
C ASN B 8 9.82 -13.12 34.41
N LEU B 9 10.75 -12.35 34.96
CA LEU B 9 11.66 -11.60 34.11
C LEU B 9 12.73 -12.53 33.54
N ASN B 10 13.26 -12.15 32.38
CA ASN B 10 14.41 -12.85 31.79
C ASN B 10 15.62 -11.96 32.03
N LEU B 11 16.19 -12.10 33.22
CA LEU B 11 17.41 -11.41 33.62
C LEU B 11 18.60 -12.35 33.49
N VAL B 12 19.77 -11.74 33.30
CA VAL B 12 21.04 -12.48 33.39
C VAL B 12 21.35 -12.65 34.86
N ARG B 13 21.31 -13.90 35.34
CA ARG B 13 21.44 -14.13 36.78
C ARG B 13 22.78 -13.62 37.29
N ALA B 14 23.87 -13.99 36.60
CA ALA B 14 25.22 -13.55 36.96
C ALA B 14 25.39 -12.04 36.94
N ASN B 15 24.42 -11.29 36.42
CA ASN B 15 24.50 -9.83 36.39
C ASN B 15 23.68 -9.16 37.47
N ILE B 16 22.85 -9.89 38.22
CA ILE B 16 21.95 -9.24 39.16
C ILE B 16 22.74 -8.51 40.24
N GLU B 17 23.55 -9.26 41.01
CA GLU B 17 24.19 -8.69 42.19
C GLU B 17 25.04 -7.49 41.81
N THR B 18 25.98 -7.70 40.89
CA THR B 18 26.81 -6.60 40.40
C THR B 18 25.97 -5.38 40.07
N GLU B 19 24.90 -5.58 39.28
CA GLU B 19 24.13 -4.43 38.84
C GLU B 19 23.48 -3.74 40.03
N SER B 20 22.89 -4.54 40.93
CA SER B 20 22.33 -3.95 42.14
C SER B 20 23.37 -3.15 42.89
N ARG B 21 24.56 -3.72 43.09
CA ARG B 21 25.57 -2.99 43.84
C ARG B 21 25.87 -1.66 43.17
N GLN B 22 26.04 -1.66 41.84
CA GLN B 22 26.45 -0.41 41.23
C GLN B 22 25.31 0.58 41.25
N PHE B 23 24.07 0.08 41.15
CA PHE B 23 22.92 0.95 41.31
C PHE B 23 22.97 1.64 42.65
N ILE B 24 23.21 0.88 43.73
CA ILE B 24 23.27 1.45 45.06
C ILE B 24 24.37 2.50 45.13
N GLU B 25 25.50 2.24 44.46
CA GLU B 25 26.58 3.21 44.58
C GLU B 25 26.39 4.42 43.65
N ASN B 26 25.45 4.36 42.72
CA ASN B 26 25.22 5.51 41.86
C ASN B 26 24.26 6.52 42.47
N LYS B 27 23.44 6.11 43.43
CA LYS B 27 22.60 7.03 44.18
C LYS B 27 23.12 7.23 45.60
N ASN B 28 24.35 6.78 45.87
CA ASN B 28 24.96 6.77 47.19
C ASN B 28 24.01 6.29 48.27
N TYR B 29 23.24 5.24 47.97
CA TYR B 29 22.54 4.55 49.03
C TYR B 29 23.55 3.67 49.77
N SER B 30 23.13 3.12 50.90
CA SER B 30 24.02 2.27 51.69
C SER B 30 23.41 0.88 51.85
N ILE B 31 24.25 -0.14 51.72
CA ILE B 31 23.81 -1.53 51.75
C ILE B 31 23.69 -1.98 53.20
N GLN B 32 22.53 -2.49 53.56
CA GLN B 32 22.45 -3.15 54.85
C GLN B 32 22.87 -4.62 54.74
N SER B 33 22.44 -5.29 53.67
CA SER B 33 22.92 -6.65 53.42
C SER B 33 22.48 -7.09 52.04
N ILE B 34 23.33 -7.91 51.42
CA ILE B 34 23.04 -8.56 50.14
C ILE B 34 23.44 -10.00 50.28
N GLY B 35 22.50 -10.92 50.11
CA GLY B 35 22.82 -12.31 50.30
C GLY B 35 21.83 -13.33 49.74
N PRO B 36 22.15 -14.61 49.91
CA PRO B 36 21.22 -15.66 49.48
C PRO B 36 19.92 -15.57 50.26
N MET B 37 18.84 -15.95 49.59
CA MET B 37 17.53 -15.78 50.18
C MET B 37 17.26 -16.86 51.22
N PRO B 38 16.80 -16.49 52.42
CA PRO B 38 16.55 -17.50 53.47
C PRO B 38 15.33 -18.33 53.14
N GLY B 39 15.39 -19.61 53.47
CA GLY B 39 14.25 -20.44 53.21
C GLY B 39 14.46 -21.35 52.02
N SER B 40 13.38 -22.02 51.66
CA SER B 40 13.44 -22.99 50.57
C SER B 40 13.89 -22.35 49.26
N ARG B 41 13.22 -21.28 48.87
CA ARG B 41 13.38 -20.72 47.54
C ARG B 41 14.78 -20.11 47.33
N ALA B 42 15.39 -20.43 46.19
CA ALA B 42 16.68 -19.86 45.87
C ALA B 42 16.48 -18.45 45.33
N GLY B 43 17.46 -17.60 45.57
CA GLY B 43 17.36 -16.23 45.09
C GLY B 43 18.33 -15.34 45.82
N LEU B 44 17.99 -14.05 45.83
CA LEU B 44 18.83 -13.00 46.35
C LEU B 44 17.97 -12.03 47.14
N ARG B 45 18.49 -11.59 48.28
CA ARG B 45 17.81 -10.58 49.09
C ARG B 45 18.72 -9.36 49.14
N VAL B 46 18.17 -8.20 48.74
CA VAL B 46 18.90 -6.94 48.75
C VAL B 46 18.15 -6.02 49.71
N VAL B 47 18.80 -5.65 50.82
CA VAL B 47 18.24 -4.74 51.81
C VAL B 47 19.16 -3.53 51.86
N PHE B 48 18.66 -2.39 51.41
CA PHE B 48 19.44 -1.16 51.29
C PHE B 48 18.61 0.01 51.81
N THR B 49 19.27 1.15 52.00
CA THR B 49 18.57 2.32 52.53
C THR B 49 19.35 3.58 52.19
N ARG B 50 18.69 4.71 52.41
CA ARG B 50 19.27 6.03 52.37
C ARG B 50 18.87 6.78 53.65
N PRO B 51 19.73 7.65 54.18
CA PRO B 51 19.38 8.34 55.43
C PRO B 51 18.12 9.19 55.28
N GLY B 52 17.11 8.86 56.08
CA GLY B 52 15.87 9.61 56.09
C GLY B 52 14.62 8.78 55.88
N VAL B 53 14.79 7.54 55.38
CA VAL B 53 13.68 6.65 55.11
C VAL B 53 14.02 5.27 55.67
N ASN B 54 13.06 4.35 55.54
CA ASN B 54 13.21 3.05 56.16
C ASN B 54 14.02 2.12 55.27
N LEU B 55 14.23 0.88 55.74
CA LEU B 55 14.98 -0.10 54.98
C LEU B 55 14.11 -0.64 53.87
N ALA B 56 14.62 -0.58 52.65
CA ALA B 56 13.97 -1.18 51.51
C ALA B 56 14.47 -2.61 51.34
N THR B 57 13.54 -3.54 51.23
CA THR B 57 13.82 -4.95 50.98
C THR B 57 13.31 -5.35 49.60
N VAL B 58 14.19 -5.94 48.78
CA VAL B 58 13.81 -6.46 47.47
C VAL B 58 14.19 -7.93 47.41
N ASP B 59 13.20 -8.77 47.15
CA ASP B 59 13.38 -10.22 47.05
C ASP B 59 13.48 -10.58 45.58
N ILE B 60 14.47 -11.38 45.23
CA ILE B 60 14.74 -11.78 43.85
C ILE B 60 14.69 -13.31 43.82
N PHE B 61 13.54 -13.87 43.46
CA PHE B 61 13.35 -15.31 43.42
C PHE B 61 13.80 -15.89 42.09
N TYR B 62 14.45 -17.06 42.18
CA TYR B 62 14.93 -17.80 41.03
C TYR B 62 13.92 -18.91 40.69
N ASN B 63 13.32 -18.83 39.51
CA ASN B 63 12.36 -19.84 39.10
C ASN B 63 13.10 -21.02 38.47
N GLY B 64 12.35 -22.10 38.24
CA GLY B 64 12.96 -23.30 37.70
C GLY B 64 13.29 -23.25 36.23
N ASP B 65 12.62 -22.40 35.46
CA ASP B 65 12.85 -22.29 34.03
C ASP B 65 13.88 -21.22 33.67
N GLY B 66 14.68 -20.77 34.63
CA GLY B 66 15.66 -19.72 34.41
C GLY B 66 15.09 -18.32 34.51
N SER B 67 13.76 -18.20 34.51
CA SER B 67 13.03 -17.01 34.89
C SER B 67 13.55 -16.41 36.20
N THR B 68 13.26 -15.12 36.40
CA THR B 68 13.45 -14.46 37.68
C THR B 68 12.25 -13.58 38.04
N THR B 69 11.87 -13.59 39.32
CA THR B 69 10.78 -12.74 39.79
C THR B 69 11.27 -11.79 40.86
N ILE B 70 10.97 -10.51 40.70
CA ILE B 70 11.36 -9.46 41.64
C ILE B 70 10.13 -9.02 42.41
N GLN B 71 10.22 -9.05 43.73
CA GLN B 71 9.15 -8.58 44.61
C GLN B 71 9.67 -7.41 45.42
N TYR B 72 9.02 -6.25 45.28
CA TYR B 72 9.39 -5.05 46.00
C TYR B 72 8.29 -4.54 46.92
N LEU B 73 7.17 -5.27 47.04
CA LEU B 73 6.04 -4.84 47.84
C LEU B 73 6.05 -5.43 49.24
N THR B 74 7.16 -6.05 49.64
CA THR B 74 7.39 -6.47 51.01
C THR B 74 8.21 -5.42 51.75
N GLY B 75 8.25 -5.57 53.07
CA GLY B 75 9.14 -4.76 53.88
C GLY B 75 8.53 -3.43 54.27
N ALA B 76 9.39 -2.49 54.63
CA ALA B 76 8.94 -1.22 55.19
C ALA B 76 9.17 -0.03 54.27
N ASN B 77 9.63 -0.26 53.02
CA ASN B 77 9.86 0.84 52.08
C ASN B 77 9.70 0.30 50.66
N ARG B 78 8.44 0.24 50.20
CA ARG B 78 8.18 -0.24 48.84
C ARG B 78 8.55 0.81 47.80
N SER B 79 8.33 2.09 48.14
CA SER B 79 8.67 3.19 47.25
C SER B 79 10.15 3.18 46.87
N LEU B 80 11.02 2.84 47.82
CA LEU B 80 12.45 2.81 47.52
C LEU B 80 12.84 1.53 46.77
N GLY B 81 12.28 0.38 47.16
CA GLY B 81 12.65 -0.87 46.52
C GLY B 81 12.24 -0.92 45.06
N GLN B 82 11.12 -0.29 44.71
CA GLN B 82 10.73 -0.23 43.30
C GLN B 82 11.81 0.43 42.45
N GLU B 83 12.63 1.31 43.03
CA GLU B 83 13.73 1.89 42.26
C GLU B 83 14.71 0.83 41.80
N LEU B 84 15.09 -0.08 42.69
CA LEU B 84 16.00 -1.17 42.31
C LEU B 84 15.30 -2.12 41.35
N ALA B 85 14.02 -2.41 41.59
CA ALA B 85 13.27 -3.27 40.69
C ALA B 85 13.28 -2.71 39.28
N ASP B 86 13.05 -1.40 39.14
CA ASP B 86 13.04 -0.79 37.81
C ASP B 86 14.43 -0.76 37.20
N HIS B 87 15.47 -0.52 37.99
CA HIS B 87 16.81 -0.60 37.43
C HIS B 87 17.05 -1.97 36.81
N LEU B 88 16.70 -3.03 37.55
CA LEU B 88 16.87 -4.38 37.01
C LEU B 88 15.98 -4.64 35.81
N PHE B 89 14.75 -4.12 35.83
CA PHE B 89 13.83 -4.33 34.71
C PHE B 89 14.32 -3.65 33.44
N GLU B 90 14.97 -2.49 33.56
CA GLU B 90 15.47 -1.77 32.40
C GLU B 90 16.85 -2.23 31.95
N THR B 91 17.39 -3.30 32.52
CA THR B 91 18.53 -3.95 31.88
C THR B 91 18.08 -5.00 30.86
N ILE B 92 16.78 -5.16 30.65
CA ILE B 92 16.25 -6.16 29.72
C ILE B 92 15.84 -5.46 28.44
N ASN B 93 16.17 -6.07 27.30
CA ASN B 93 15.72 -5.59 26.00
C ASN B 93 14.22 -5.82 25.87
N PRO B 94 13.44 -4.84 25.40
CA PRO B 94 11.99 -5.06 25.25
C PRO B 94 11.64 -6.29 24.40
N ALA B 95 12.45 -6.53 23.35
CA ALA B 95 12.25 -7.67 22.44
C ALA B 95 12.31 -8.98 23.23
N GLU B 96 12.62 -8.89 24.53
CA GLU B 96 12.72 -10.09 25.40
C GLU B 96 11.35 -10.39 26.01
N PHE B 97 10.41 -9.45 25.89
CA PHE B 97 9.04 -9.62 26.44
C PHE B 97 8.09 -10.10 25.33
N GLU B 98 8.66 -10.49 24.18
CA GLU B 98 7.86 -10.96 23.03
C GLU B 98 8.08 -12.47 22.84
N GLN B 99 7.22 -13.11 22.05
CA GLN B 99 7.33 -14.58 21.80
C GLN B 99 6.99 -14.86 20.33
N VAL B 100 7.89 -15.55 19.62
CA VAL B 100 7.67 -15.88 18.17
C VAL B 100 7.32 -17.37 18.06
N ASN B 101 6.28 -17.69 17.27
CA ASN B 101 5.85 -19.06 17.08
C ASN B 101 5.18 -19.09 15.71
N MET B 102 5.99 -19.28 14.67
CA MET B 102 5.53 -19.18 13.30
C MET B 102 5.68 -20.50 12.57
N VAL B 103 4.94 -20.61 11.47
CA VAL B 103 5.06 -21.72 10.53
C VAL B 103 5.14 -21.14 9.13
N LEU B 104 6.20 -21.46 8.41
CA LEU B 104 6.38 -21.14 7.01
C LEU B 104 6.15 -22.40 6.17
N GLN B 105 5.62 -22.23 4.98
CA GLN B 105 5.32 -23.41 4.17
C GLN B 105 6.39 -23.62 3.11
N GLY B 106 6.50 -24.88 2.69
CA GLY B 106 7.32 -25.28 1.56
C GLY B 106 8.83 -25.33 1.75
N PHE B 107 9.26 -26.08 2.75
CA PHE B 107 10.66 -26.24 3.04
C PHE B 107 10.98 -27.73 3.16
N VAL B 108 12.18 -28.08 2.72
CA VAL B 108 12.74 -29.40 2.97
C VAL B 108 14.14 -29.19 3.51
N GLU B 109 14.75 -30.30 3.93
CA GLU B 109 15.97 -30.17 4.73
C GLU B 109 17.13 -29.62 3.92
N THR B 110 17.17 -29.90 2.62
CA THR B 110 18.30 -29.46 1.81
C THR B 110 18.21 -27.99 1.45
N SER B 111 17.07 -27.34 1.71
CA SER B 111 16.94 -25.91 1.53
C SER B 111 17.11 -25.15 2.83
N VAL B 112 16.90 -25.80 3.96
CA VAL B 112 16.96 -25.17 5.28
C VAL B 112 18.35 -25.26 5.90
N LEU B 113 19.02 -26.42 5.77
CA LEU B 113 20.40 -26.52 6.26
C LEU B 113 21.31 -25.38 5.79
N PRO B 114 21.31 -24.98 4.51
CA PRO B 114 22.19 -23.87 4.08
C PRO B 114 21.96 -22.57 4.85
N VAL B 115 20.71 -22.23 5.17
CA VAL B 115 20.45 -20.98 5.85
C VAL B 115 20.94 -21.04 7.29
N LEU B 116 20.88 -22.23 7.90
CA LEU B 116 21.50 -22.43 9.21
C LEU B 116 23.01 -22.27 9.14
N GLU B 117 23.63 -22.77 8.07
CA GLU B 117 25.09 -22.72 8.04
C GLU B 117 25.58 -21.30 7.75
N LEU B 118 24.81 -20.56 6.96
CA LEU B 118 25.09 -19.14 6.78
C LEU B 118 24.88 -18.37 8.08
N SER B 119 23.89 -18.76 8.87
CA SER B 119 23.68 -18.04 10.11
C SER B 119 24.73 -18.40 11.13
N ALA B 120 25.32 -19.58 11.03
CA ALA B 120 26.41 -19.93 11.91
C ALA B 120 27.75 -19.43 11.39
N ASP B 121 27.77 -18.74 10.24
CA ASP B 121 29.02 -18.09 9.85
C ASP B 121 29.23 -16.74 10.53
N GLU B 122 28.27 -16.24 11.29
CA GLU B 122 28.55 -15.13 12.20
C GLU B 122 29.31 -15.67 13.40
N SER B 123 30.07 -14.78 14.06
CA SER B 123 30.98 -15.20 15.12
C SER B 123 30.28 -15.53 16.43
N HIS B 124 29.04 -15.10 16.63
CA HIS B 124 28.34 -15.28 17.90
C HIS B 124 27.13 -16.20 17.77
N ILE B 125 27.03 -16.92 16.67
CA ILE B 125 25.92 -17.81 16.39
C ILE B 125 26.45 -19.22 16.19
N GLU B 126 25.74 -20.20 16.78
CA GLU B 126 26.06 -21.60 16.61
C GLU B 126 24.75 -22.35 16.43
N PHE B 127 24.75 -23.39 15.62
CA PHE B 127 23.58 -24.25 15.55
C PHE B 127 24.01 -25.68 15.77
N ARG B 128 23.05 -26.52 16.16
CA ARG B 128 23.30 -27.95 16.27
C ARG B 128 21.99 -28.70 16.14
N GLU B 129 22.07 -29.91 15.56
CA GLU B 129 20.91 -30.77 15.40
C GLU B 129 20.43 -31.27 16.76
N HIS B 130 19.22 -30.86 17.14
CA HIS B 130 18.71 -31.16 18.46
C HIS B 130 18.09 -32.55 18.53
N SER B 131 17.16 -32.84 17.63
CA SER B 131 16.48 -34.12 17.63
C SER B 131 16.01 -34.48 16.23
N ARG B 132 15.70 -35.77 16.03
CA ARG B 132 15.16 -36.16 14.73
C ARG B 132 14.42 -37.49 14.81
N ASN B 133 13.23 -37.55 14.21
CA ASN B 133 12.61 -38.81 13.89
C ASN B 133 12.25 -38.75 12.40
N ALA B 134 11.17 -39.40 11.98
CA ALA B 134 10.85 -39.44 10.56
C ALA B 134 9.75 -38.45 10.20
N HIS B 135 9.28 -37.67 11.17
CA HIS B 135 8.23 -36.69 10.99
C HIS B 135 8.75 -35.28 11.12
N THR B 136 9.71 -35.09 12.02
CA THR B 136 10.26 -33.78 12.31
C THR B 136 11.75 -33.92 12.55
N VAL B 137 12.46 -32.83 12.30
CA VAL B 137 13.88 -32.71 12.60
C VAL B 137 14.05 -31.34 13.23
N VAL B 138 14.65 -31.29 14.42
CA VAL B 138 14.73 -30.05 15.18
C VAL B 138 16.18 -29.65 15.34
N TRP B 139 16.49 -28.40 15.01
CA TRP B 139 17.78 -27.75 15.20
C TRP B 139 17.61 -26.65 16.23
N LYS B 140 18.66 -26.37 16.99
CA LYS B 140 18.65 -25.20 17.86
C LYS B 140 19.77 -24.26 17.47
N ILE B 141 19.46 -22.95 17.48
CA ILE B 141 20.42 -21.90 17.18
C ILE B 141 20.67 -21.15 18.47
N ILE B 142 21.91 -21.18 18.94
CA ILE B 142 22.27 -20.51 20.18
C ILE B 142 23.14 -19.30 19.86
N SER B 143 23.05 -18.29 20.71
CA SER B 143 23.93 -17.14 20.65
C SER B 143 24.98 -17.32 21.73
N THR B 144 26.23 -17.01 21.41
CA THR B 144 27.30 -17.19 22.38
C THR B 144 27.39 -16.02 23.36
N SER B 145 27.05 -14.81 22.91
CA SER B 145 27.18 -13.65 23.77
C SER B 145 25.95 -13.48 24.66
N TYR B 146 24.76 -13.51 24.06
CA TYR B 146 23.54 -13.49 24.85
C TYR B 146 23.02 -14.90 25.04
N GLN B 147 22.35 -15.12 26.16
CA GLN B 147 21.72 -16.41 26.44
C GLN B 147 20.40 -16.43 25.67
N ASP B 148 20.49 -16.87 24.41
CA ASP B 148 19.37 -16.79 23.47
C ASP B 148 19.41 -18.03 22.60
N GLU B 149 18.30 -18.77 22.57
CA GLU B 149 18.21 -19.96 21.73
C GLU B 149 16.90 -19.95 20.94
N LEU B 150 17.00 -20.32 19.67
CA LEU B 150 15.88 -20.38 18.74
C LEU B 150 15.69 -21.83 18.30
N THR B 151 14.44 -22.30 18.33
CA THR B 151 14.12 -23.67 17.96
C THR B 151 13.54 -23.67 16.55
N VAL B 152 14.25 -24.30 15.61
CA VAL B 152 13.83 -24.38 14.23
C VAL B 152 13.50 -25.84 13.95
N SER B 153 12.21 -26.14 13.83
CA SER B 153 11.74 -27.50 13.62
C SER B 153 11.16 -27.66 12.21
N LEU B 154 11.69 -28.62 11.45
CA LEU B 154 11.23 -28.89 10.10
C LEU B 154 10.37 -30.15 10.11
N HIS B 155 9.08 -29.97 9.81
CA HIS B 155 8.12 -31.05 9.63
C HIS B 155 8.29 -31.59 8.21
N ILE B 156 8.98 -32.73 8.13
CA ILE B 156 9.39 -33.37 6.87
C ILE B 156 8.20 -33.65 5.96
N THR B 157 7.24 -34.41 6.48
CA THR B 157 6.15 -34.89 5.64
C THR B 157 5.25 -33.75 5.16
N THR B 158 5.13 -32.68 5.93
CA THR B 158 4.34 -31.53 5.51
C THR B 158 5.18 -30.44 4.89
N GLY B 159 6.50 -30.55 4.96
CA GLY B 159 7.37 -29.48 4.50
C GLY B 159 7.15 -28.17 5.22
N LYS B 160 6.69 -28.21 6.48
CA LYS B 160 6.39 -26.97 7.17
C LYS B 160 7.49 -26.65 8.20
N LEU B 161 7.92 -25.41 8.22
CA LEU B 161 9.05 -24.97 9.01
C LEU B 161 8.53 -24.15 10.16
N GLN B 162 8.92 -24.52 11.37
CA GLN B 162 8.41 -23.86 12.55
C GLN B 162 9.57 -23.14 13.22
N ILE B 163 9.32 -21.89 13.61
CA ILE B 163 10.31 -21.06 14.27
C ILE B 163 9.73 -20.64 15.62
N GLN B 164 10.43 -21.00 16.70
CA GLN B 164 9.96 -20.71 18.05
C GLN B 164 11.04 -20.07 18.90
N GLY B 165 10.62 -19.10 19.71
CA GLY B 165 11.50 -18.48 20.68
C GLY B 165 11.24 -17.01 20.86
N ARG B 166 12.28 -16.20 20.89
CA ARG B 166 12.09 -14.77 21.06
C ARG B 166 12.83 -14.05 19.94
N PRO B 167 12.29 -12.91 19.48
CA PRO B 167 12.91 -12.26 18.32
C PRO B 167 14.22 -11.60 18.65
N LEU B 168 15.23 -12.36 19.05
CA LEU B 168 16.49 -11.77 19.43
C LEU B 168 17.52 -12.07 18.34
N SER B 169 18.80 -12.20 18.70
CA SER B 169 19.82 -12.11 17.66
C SER B 169 19.85 -13.37 16.79
N CYS B 170 19.54 -14.54 17.33
CA CYS B 170 19.44 -15.72 16.48
C CYS B 170 18.27 -15.59 15.51
N TYR B 171 17.10 -15.19 16.02
CA TYR B 171 15.97 -14.98 15.12
C TYR B 171 16.32 -14.00 14.02
N ARG B 172 16.98 -12.89 14.35
CA ARG B 172 17.26 -11.88 13.34
C ARG B 172 18.24 -12.38 12.30
N VAL B 173 19.33 -13.01 12.71
CA VAL B 173 20.31 -13.54 11.75
C VAL B 173 19.66 -14.58 10.85
N PHE B 174 18.92 -15.50 11.45
CA PHE B 174 18.27 -16.57 10.70
C PHE B 174 17.27 -16.01 9.70
N THR B 175 16.37 -15.14 10.14
CA THR B 175 15.39 -14.58 9.22
C THR B 175 16.06 -13.74 8.14
N PHE B 176 17.18 -13.09 8.46
CA PHE B 176 17.89 -12.34 7.43
C PHE B 176 18.38 -13.26 6.33
N ASN B 177 19.09 -14.34 6.70
CA ASN B 177 19.57 -15.28 5.70
C ASN B 177 18.45 -16.06 5.02
N LEU B 178 17.30 -16.18 5.67
CA LEU B 178 16.16 -16.91 5.14
C LEU B 178 15.29 -16.06 4.24
N ALA B 179 15.44 -14.73 4.31
CA ALA B 179 14.61 -13.84 3.52
C ALA B 179 14.88 -14.00 2.03
N ALA B 180 16.05 -14.53 1.67
CA ALA B 180 16.40 -14.69 0.26
C ALA B 180 15.48 -15.67 -0.45
N LEU B 181 14.90 -16.63 0.26
CA LEU B 181 14.14 -17.71 -0.33
C LEU B 181 12.62 -17.52 -0.29
N LEU B 182 12.11 -16.50 0.39
CA LEU B 182 10.71 -16.49 0.75
C LEU B 182 9.86 -15.80 -0.29
N ASP B 183 8.58 -16.15 -0.32
CA ASP B 183 7.63 -15.41 -1.13
C ASP B 183 7.18 -14.17 -0.34
N LEU B 184 6.22 -13.43 -0.89
CA LEU B 184 5.80 -12.19 -0.25
C LEU B 184 5.23 -12.46 1.14
N GLN B 185 4.38 -13.49 1.26
CA GLN B 185 3.70 -13.72 2.53
C GLN B 185 4.68 -14.20 3.60
N GLY B 186 5.63 -15.06 3.23
CA GLY B 186 6.63 -15.48 4.19
C GLY B 186 7.54 -14.35 4.62
N LEU B 187 7.96 -13.52 3.67
CA LEU B 187 8.76 -12.34 4.00
C LEU B 187 8.02 -11.47 5.00
N GLU B 188 6.74 -11.21 4.75
CA GLU B 188 5.94 -10.38 5.64
C GLU B 188 5.79 -11.02 7.01
N LYS B 189 5.66 -12.35 7.05
CA LYS B 189 5.60 -13.07 8.31
C LYS B 189 6.87 -12.85 9.14
N VAL B 190 8.04 -13.07 8.53
CA VAL B 190 9.26 -13.00 9.32
C VAL B 190 9.58 -11.56 9.69
N LEU B 191 9.14 -10.59 8.88
CA LEU B 191 9.51 -9.21 9.17
C LEU B 191 8.58 -8.53 10.15
N ILE B 192 7.29 -8.85 10.16
CA ILE B 192 6.35 -8.21 11.07
C ILE B 192 5.91 -9.13 12.19
N ARG B 193 6.28 -10.41 12.16
CA ARG B 193 5.99 -11.41 13.20
CA ARG B 193 5.99 -11.33 13.27
C ARG B 193 4.50 -11.44 13.52
N GLN B 194 3.70 -11.49 12.45
CA GLN B 194 2.24 -11.58 12.57
C GLN B 194 1.71 -12.39 11.41
N GLU B 195 0.69 -13.19 11.69
CA GLU B 195 -0.06 -13.84 10.63
C GLU B 195 -1.15 -12.89 10.16
N ASP B 196 -1.78 -13.25 9.04
CA ASP B 196 -2.88 -12.49 8.47
C ASP B 196 -2.45 -11.09 8.05
N GLY B 197 -1.15 -10.87 7.83
CA GLY B 197 -0.74 -9.62 7.25
C GLY B 197 -1.28 -9.51 5.84
N LYS B 198 -1.32 -8.29 5.34
CA LYS B 198 -1.99 -8.03 4.06
C LYS B 198 -1.08 -7.30 3.08
N ALA B 199 0.19 -7.70 3.01
CA ALA B 199 1.06 -7.22 1.95
C ALA B 199 0.64 -7.77 0.60
N ASN B 200 -0.06 -8.91 0.57
CA ASN B 200 -0.49 -9.52 -0.68
C ASN B 200 -1.61 -8.73 -1.37
N ILE B 201 -2.28 -7.80 -0.68
CA ILE B 201 -3.33 -6.99 -1.32
C ILE B 201 -2.80 -5.70 -1.92
N VAL B 202 -1.56 -5.32 -1.64
CA VAL B 202 -0.93 -4.15 -2.23
C VAL B 202 -0.80 -4.32 -3.75
N GLN B 203 -1.30 -3.32 -4.49
CA GLN B 203 -1.16 -3.33 -5.95
C GLN B 203 0.32 -3.35 -6.31
N GLN B 204 0.80 -4.46 -6.86
CA GLN B 204 2.23 -4.57 -7.06
C GLN B 204 2.73 -3.61 -8.15
N GLU B 205 1.85 -3.19 -9.07
CA GLU B 205 2.29 -2.33 -10.15
C GLU B 205 2.37 -0.86 -9.72
N VAL B 206 1.58 -0.46 -8.71
CA VAL B 206 1.75 0.87 -8.12
C VAL B 206 3.02 0.91 -7.29
N ALA B 207 3.31 -0.17 -6.56
CA ALA B 207 4.58 -0.24 -5.85
C ALA B 207 5.74 -0.20 -6.83
N ARG B 208 5.59 -0.86 -7.98
CA ARG B 208 6.66 -0.86 -8.96
C ARG B 208 6.87 0.52 -9.55
N THR B 209 5.80 1.30 -9.71
CA THR B 209 6.00 2.67 -10.18
C THR B 209 6.66 3.53 -9.12
N TYR B 210 6.34 3.27 -7.85
CA TYR B 210 7.10 3.88 -6.76
C TYR B 210 8.59 3.58 -6.92
N LEU B 211 8.91 2.32 -7.18
CA LEU B 211 10.31 1.96 -7.24
C LEU B 211 11.01 2.63 -8.43
N GLN B 212 10.39 2.58 -9.63
CA GLN B 212 10.97 3.36 -10.74
C GLN B 212 11.13 4.82 -10.41
N THR B 213 10.20 5.42 -9.67
CA THR B 213 10.36 6.85 -9.42
C THR B 213 11.59 7.10 -8.56
N VAL B 214 11.77 6.33 -7.50
CA VAL B 214 12.91 6.64 -6.63
C VAL B 214 14.25 6.13 -7.17
N MET B 215 14.27 5.14 -8.07
CA MET B 215 15.54 4.62 -8.54
C MET B 215 15.85 4.89 -10.01
N ALA B 216 15.02 5.66 -10.72
CA ALA B 216 15.38 6.23 -12.03
C ALA B 216 16.20 5.33 -12.94
N ASP B 217 17.45 5.74 -13.17
CA ASP B 217 18.33 5.13 -14.16
C ASP B 217 18.78 3.74 -13.76
N ALA B 218 18.78 3.42 -12.47
CA ALA B 218 19.21 2.09 -12.05
C ALA B 218 18.15 1.03 -12.32
N TYR B 219 16.90 1.44 -12.47
CA TYR B 219 15.82 0.47 -12.66
C TYR B 219 16.08 -0.56 -13.75
N PRO B 220 16.64 -0.21 -14.91
CA PRO B 220 16.98 -1.25 -15.89
C PRO B 220 18.16 -2.13 -15.51
N HIS B 221 19.02 -1.73 -14.58
CA HIS B 221 20.18 -2.57 -14.25
C HIS B 221 19.95 -3.49 -13.06
N LEU B 222 18.85 -3.32 -12.33
CA LEU B 222 18.53 -4.25 -11.27
C LEU B 222 18.28 -5.65 -11.82
N HIS B 223 18.90 -6.65 -11.20
CA HIS B 223 18.52 -8.03 -11.46
C HIS B 223 17.19 -8.30 -10.77
N VAL B 224 16.39 -9.20 -11.35
CA VAL B 224 15.04 -9.39 -10.82
C VAL B 224 15.07 -10.06 -9.46
N THR B 225 16.13 -10.80 -9.13
CA THR B 225 16.36 -11.11 -7.73
C THR B 225 16.22 -9.83 -6.90
N ALA B 226 17.01 -8.82 -7.27
CA ALA B 226 17.05 -7.57 -6.53
C ALA B 226 15.73 -6.81 -6.64
N GLU B 227 15.16 -6.77 -7.84
CA GLU B 227 13.95 -5.94 -7.98
C GLU B 227 12.72 -6.60 -7.37
N LYS B 228 12.62 -7.92 -7.38
CA LYS B 228 11.45 -8.50 -6.75
C LYS B 228 11.61 -8.55 -5.25
N LEU B 229 12.84 -8.50 -4.72
CA LEU B 229 12.93 -8.37 -3.28
C LEU B 229 12.70 -6.90 -2.86
N LEU B 230 12.99 -5.95 -3.76
CA LEU B 230 12.73 -4.54 -3.41
C LEU B 230 11.26 -4.21 -3.49
N VAL B 231 10.55 -4.69 -4.51
CA VAL B 231 9.11 -4.45 -4.57
C VAL B 231 8.40 -5.19 -3.45
N SER B 232 8.90 -6.37 -3.07
CA SER B 232 8.33 -7.08 -1.94
C SER B 232 8.58 -6.35 -0.63
N GLY B 233 9.76 -5.76 -0.45
CA GLY B 233 9.99 -4.92 0.71
C GLY B 233 9.07 -3.71 0.72
N LEU B 234 8.86 -3.13 -0.45
CA LEU B 234 7.97 -1.98 -0.56
C LEU B 234 6.56 -2.33 -0.10
N CYS B 235 6.05 -3.50 -0.49
CA CYS B 235 4.69 -3.83 -0.08
C CYS B 235 4.61 -4.40 1.33
N VAL B 236 5.73 -4.88 1.89
CA VAL B 236 5.75 -5.15 3.32
C VAL B 236 5.71 -3.85 4.10
N LYS B 237 6.37 -2.80 3.59
CA LYS B 237 6.35 -1.53 4.31
C LYS B 237 4.99 -0.84 4.19
N LEU B 238 4.42 -0.83 2.99
CA LEU B 238 3.16 -0.13 2.78
C LEU B 238 2.01 -0.77 3.54
N ALA B 239 2.08 -2.06 3.79
CA ALA B 239 1.00 -2.77 4.47
C ALA B 239 1.35 -3.13 5.90
N ALA B 240 2.42 -2.56 6.45
CA ALA B 240 2.82 -2.94 7.79
C ALA B 240 1.79 -2.48 8.80
N PRO B 241 1.50 -3.27 9.81
CA PRO B 241 0.59 -2.82 10.87
C PRO B 241 1.33 -1.90 11.82
N ASP B 242 0.77 -1.59 12.99
CA ASP B 242 1.47 -0.73 13.92
C ASP B 242 2.26 -1.61 14.87
N LEU B 243 3.55 -1.32 15.00
CA LEU B 243 4.52 -2.17 15.66
C LEU B 243 5.41 -1.29 16.52
N PRO B 244 5.98 -1.81 17.59
CA PRO B 244 6.91 -1.01 18.39
C PRO B 244 8.23 -0.76 17.68
N ASP B 245 8.67 -1.66 16.80
CA ASP B 245 9.92 -1.45 16.07
C ASP B 245 9.73 -1.92 14.63
N TYR B 246 10.10 -1.04 13.70
CA TYR B 246 9.95 -1.28 12.27
C TYR B 246 11.27 -1.61 11.58
N CYS B 247 12.33 -1.88 12.34
CA CYS B 247 13.64 -1.86 11.72
C CYS B 247 13.94 -3.14 10.99
N MET B 248 13.22 -4.23 11.29
CA MET B 248 13.36 -5.43 10.50
C MET B 248 12.85 -5.23 9.08
N LEU B 249 11.93 -4.26 8.89
CA LEU B 249 11.48 -3.91 7.56
C LEU B 249 12.60 -3.39 6.68
N LEU B 250 13.77 -3.09 7.25
CA LEU B 250 14.90 -2.68 6.42
C LEU B 250 15.62 -3.87 5.80
N TYR B 251 15.20 -5.10 6.13
CA TYR B 251 15.88 -6.29 5.62
C TYR B 251 15.93 -6.35 4.10
N PRO B 252 14.83 -6.15 3.36
CA PRO B 252 14.92 -6.28 1.89
C PRO B 252 15.97 -5.38 1.26
N GLU B 253 16.15 -4.16 1.76
CA GLU B 253 17.10 -3.26 1.13
C GLU B 253 18.53 -3.66 1.46
N LEU B 254 18.79 -3.95 2.73
CA LEU B 254 20.13 -4.37 3.15
C LEU B 254 20.57 -5.58 2.34
N ARG B 255 19.68 -6.57 2.20
CA ARG B 255 20.03 -7.76 1.43
C ARG B 255 20.45 -7.39 0.01
N THR B 256 19.71 -6.51 -0.67
CA THR B 256 20.13 -6.20 -2.03
C THR B 256 21.42 -5.38 -2.03
N ILE B 257 21.62 -4.51 -1.04
CA ILE B 257 22.92 -3.85 -0.94
C ILE B 257 24.01 -4.89 -0.87
N GLU B 258 23.84 -5.88 0.03
CA GLU B 258 24.84 -6.93 0.19
C GLU B 258 25.10 -7.63 -1.13
N GLY B 259 24.06 -7.78 -1.96
CA GLY B 259 24.28 -8.34 -3.27
C GLY B 259 25.08 -7.41 -4.15
N VAL B 260 24.54 -6.20 -4.37
CA VAL B 260 25.06 -5.33 -5.42
C VAL B 260 26.51 -4.93 -5.12
N LEU B 261 26.78 -4.46 -3.90
CA LEU B 261 28.15 -4.19 -3.48
C LEU B 261 29.03 -5.40 -3.75
N LYS B 262 28.62 -6.56 -3.22
CA LYS B 262 29.44 -7.76 -3.31
C LYS B 262 29.65 -8.20 -4.77
N SER B 263 28.85 -7.67 -5.71
CA SER B 263 29.07 -7.99 -7.10
C SER B 263 29.71 -6.85 -7.86
N LYS B 264 29.62 -5.62 -7.34
CA LYS B 264 30.40 -4.52 -7.92
C LYS B 264 31.88 -4.66 -7.56
N MET B 265 32.16 -4.98 -6.30
CA MET B 265 33.55 -5.09 -5.85
C MET B 265 34.29 -6.21 -6.57
N SER B 266 33.63 -7.36 -6.77
CA SER B 266 34.27 -8.42 -7.51
C SER B 266 34.48 -8.04 -8.98
N GLY B 267 33.71 -7.08 -9.49
CA GLY B 267 34.00 -6.56 -10.82
C GLY B 267 35.20 -5.64 -10.88
N LEU B 268 35.79 -5.30 -9.74
CA LEU B 268 36.96 -4.41 -9.64
C LEU B 268 38.11 -5.10 -8.93
N GLY B 269 38.23 -6.41 -9.10
CA GLY B 269 39.33 -7.15 -8.54
C GLY B 269 39.30 -7.35 -7.04
N MET B 270 38.11 -7.40 -6.44
CA MET B 270 37.96 -7.55 -4.99
C MET B 270 36.91 -8.61 -4.68
N PRO B 271 37.15 -9.87 -5.05
CA PRO B 271 36.16 -10.92 -4.77
C PRO B 271 35.99 -11.15 -3.27
N VAL B 272 34.75 -11.37 -2.86
CA VAL B 272 34.44 -11.57 -1.44
C VAL B 272 34.41 -13.06 -1.16
N GLN B 273 35.20 -13.49 -0.18
CA GLN B 273 35.35 -14.90 0.18
C GLN B 273 34.52 -15.21 1.43
N GLN B 274 34.55 -16.49 1.82
CA GLN B 274 33.79 -16.94 2.98
C GLN B 274 34.56 -16.71 4.28
N PRO B 275 35.88 -17.04 4.38
CA PRO B 275 36.58 -16.84 5.65
C PRO B 275 36.69 -15.37 6.06
N ALA B 276 37.31 -14.54 5.19
CA ALA B 276 37.58 -13.15 5.51
C ALA B 276 36.48 -12.19 5.10
N GLY B 277 35.91 -12.35 3.90
CA GLY B 277 34.75 -11.54 3.52
C GLY B 277 35.10 -10.11 3.20
N PHE B 278 34.27 -9.18 3.71
CA PHE B 278 34.50 -7.76 3.50
C PHE B 278 35.72 -7.24 4.26
N GLY B 279 36.01 -7.83 5.42
CA GLY B 279 37.03 -7.28 6.30
C GLY B 279 38.39 -7.08 5.66
N THR B 280 38.77 -7.95 4.71
CA THR B 280 40.09 -7.85 4.09
C THR B 280 40.26 -6.55 3.31
N TYR B 281 39.15 -5.89 2.95
CA TYR B 281 39.20 -4.75 2.06
C TYR B 281 38.98 -3.41 2.74
N PHE B 282 38.59 -3.38 4.01
CA PHE B 282 38.29 -2.13 4.68
C PHE B 282 39.07 -1.97 5.98
N ASP B 283 39.30 -0.72 6.35
CA ASP B 283 39.72 -0.32 7.68
C ASP B 283 38.70 0.63 8.26
N LYS B 284 38.99 1.11 9.46
CA LYS B 284 37.99 1.75 10.31
C LYS B 284 38.64 2.81 11.18
N PRO B 285 38.90 4.00 10.62
CA PRO B 285 39.22 5.13 11.47
C PRO B 285 37.95 5.85 11.88
N ALA B 286 37.78 6.08 13.17
CA ALA B 286 36.57 6.70 13.77
C ALA B 286 35.39 5.78 13.48
N ALA B 287 34.24 6.32 13.06
CA ALA B 287 33.05 5.54 12.76
C ALA B 287 32.95 5.16 11.29
N HIS B 288 33.94 5.55 10.49
CA HIS B 288 33.95 5.29 9.06
C HIS B 288 34.56 3.93 8.78
N TYR B 289 34.10 3.30 7.71
CA TYR B 289 34.91 2.31 7.02
C TYR B 289 35.44 2.95 5.75
N ILE B 290 36.74 2.83 5.52
CA ILE B 290 37.37 3.33 4.31
C ILE B 290 38.18 2.20 3.69
N LEU B 291 38.16 2.12 2.35
CA LEU B 291 39.00 1.14 1.67
C LEU B 291 40.45 1.31 2.07
N LYS B 292 41.15 0.19 2.20
CA LYS B 292 42.57 0.25 2.54
C LYS B 292 43.33 0.85 1.36
N PRO B 293 44.42 1.55 1.62
CA PRO B 293 45.11 2.28 0.52
C PRO B 293 45.59 1.39 -0.62
N GLN B 294 46.01 0.15 -0.35
CA GLN B 294 46.47 -0.73 -1.42
C GLN B 294 45.36 -1.01 -2.42
N PHE B 295 44.12 -1.11 -1.96
CA PHE B 295 42.99 -1.30 -2.86
C PHE B 295 42.44 0.02 -3.37
N ALA B 296 42.52 1.08 -2.56
CA ALA B 296 42.03 2.38 -2.99
C ALA B 296 42.87 2.99 -4.10
N ALA B 297 44.14 2.58 -4.22
CA ALA B 297 44.98 3.15 -5.27
C ALA B 297 44.65 2.56 -6.64
N THR B 298 43.78 1.57 -6.71
CA THR B 298 43.39 0.99 -7.98
C THR B 298 42.13 1.64 -8.56
N LEU B 299 41.38 2.39 -7.74
CA LEU B 299 40.12 3.02 -8.12
C LEU B 299 40.35 4.52 -8.33
N ARG B 300 39.26 5.23 -8.58
CA ARG B 300 39.19 6.69 -8.72
C ARG B 300 38.45 7.27 -7.54
N PRO B 301 38.55 8.60 -7.29
CA PRO B 301 37.99 9.16 -6.04
C PRO B 301 36.48 9.07 -5.95
N GLU B 302 35.76 9.06 -7.06
CA GLU B 302 34.31 8.88 -6.98
C GLU B 302 33.97 7.46 -6.58
N GLN B 303 34.73 6.49 -7.09
CA GLN B 303 34.44 5.08 -6.82
C GLN B 303 34.79 4.70 -5.40
N ILE B 304 35.81 5.33 -4.81
CA ILE B 304 36.22 4.96 -3.46
C ILE B 304 35.14 5.30 -2.44
N ASN B 305 34.42 6.39 -2.64
CA ASN B 305 33.46 6.77 -1.62
C ASN B 305 32.13 6.06 -1.78
N ILE B 306 31.65 5.85 -3.02
CA ILE B 306 30.47 5.02 -3.23
C ILE B 306 30.62 3.70 -2.51
N ILE B 307 31.79 3.08 -2.63
CA ILE B 307 32.01 1.76 -2.03
C ILE B 307 32.11 1.86 -0.52
N SER B 308 32.87 2.85 -0.02
CA SER B 308 33.09 2.99 1.42
C SER B 308 31.80 3.32 2.18
N THR B 309 31.05 4.34 1.77
CA THR B 309 29.81 4.64 2.50
C THR B 309 28.81 3.50 2.36
N ALA B 310 28.80 2.79 1.22
CA ALA B 310 27.93 1.64 1.05
C ALA B 310 28.25 0.58 2.09
N TYR B 311 29.53 0.21 2.23
CA TYR B 311 29.87 -0.80 3.23
C TYR B 311 29.61 -0.28 4.64
N THR B 312 29.86 1.00 4.90
CA THR B 312 29.61 1.53 6.23
C THR B 312 28.12 1.39 6.59
N PHE B 313 27.24 1.81 5.68
CA PHE B 313 25.81 1.69 5.92
C PHE B 313 25.42 0.23 6.14
N PHE B 314 25.81 -0.64 5.20
CA PHE B 314 25.46 -2.05 5.32
C PHE B 314 25.94 -2.63 6.63
N ASN B 315 27.22 -2.42 6.94
CA ASN B 315 27.84 -3.06 8.09
C ASN B 315 27.21 -2.58 9.39
N VAL B 316 27.01 -1.26 9.54
CA VAL B 316 26.57 -0.80 10.85
C VAL B 316 25.08 -1.01 11.05
N GLU B 317 24.27 -1.02 9.98
CA GLU B 317 22.87 -1.31 10.27
C GLU B 317 22.60 -2.81 10.37
N ARG B 318 23.40 -3.66 9.72
CA ARG B 318 23.28 -5.07 10.03
C ARG B 318 23.83 -5.38 11.42
N HIS B 319 24.90 -4.69 11.83
CA HIS B 319 25.44 -4.90 13.16
C HIS B 319 24.44 -4.49 14.23
N SER B 320 23.72 -3.39 14.00
CA SER B 320 22.77 -2.96 15.03
C SER B 320 21.51 -3.81 15.00
N LEU B 321 21.15 -4.37 13.84
CA LEU B 321 20.00 -5.29 13.82
C LEU B 321 20.36 -6.63 14.46
N PHE B 322 21.57 -7.12 14.19
CA PHE B 322 21.97 -8.45 14.65
C PHE B 322 22.33 -8.48 16.13
N HIS B 323 22.78 -7.36 16.68
CA HIS B 323 23.19 -7.31 18.09
C HIS B 323 22.21 -6.50 18.95
N MET B 324 21.02 -6.22 18.42
CA MET B 324 19.97 -5.46 19.11
C MET B 324 20.50 -4.09 19.57
N GLU B 325 20.89 -3.28 18.58
CA GLU B 325 21.50 -1.97 18.77
C GLU B 325 22.79 -2.09 19.59
N THR B 326 23.88 -2.52 18.96
CA THR B 326 25.14 -2.75 19.65
C THR B 326 26.34 -2.78 18.70
N ASP B 336 8.93 4.79 15.38
CA ASP B 336 8.47 5.72 14.35
C ASP B 336 8.83 5.19 12.97
N MET B 337 7.81 4.97 12.12
CA MET B 337 8.05 4.58 10.73
C MET B 337 8.86 5.64 9.99
N ALA B 338 8.96 6.86 10.55
CA ALA B 338 9.70 7.90 9.87
C ALA B 338 11.20 7.61 9.88
N ARG B 339 11.74 7.07 10.98
CA ARG B 339 13.15 6.68 11.01
C ARG B 339 13.43 5.59 9.99
N LEU B 340 12.56 4.59 9.94
CA LEU B 340 12.77 3.50 8.99
C LEU B 340 12.68 3.99 7.57
N MET B 341 11.77 4.92 7.27
CA MET B 341 11.70 5.41 5.90
C MET B 341 12.90 6.28 5.55
N GLY B 342 13.43 7.02 6.52
CA GLY B 342 14.64 7.78 6.27
C GLY B 342 15.81 6.86 5.93
N LYS B 343 15.95 5.78 6.70
CA LYS B 343 17.02 4.82 6.44
C LYS B 343 16.77 4.05 5.15
N ALA B 344 15.49 3.83 4.81
CA ALA B 344 15.15 3.14 3.58
C ALA B 344 15.46 3.96 2.34
N THR B 345 15.15 5.26 2.36
CA THR B 345 15.50 6.06 1.20
C THR B 345 17.00 6.33 1.11
N ARG B 346 17.69 6.46 2.25
CA ARG B 346 19.15 6.46 2.19
C ARG B 346 19.66 5.20 1.50
N ALA B 347 19.10 4.05 1.87
CA ALA B 347 19.51 2.79 1.26
C ALA B 347 19.23 2.78 -0.25
N TRP B 348 18.06 3.28 -0.66
CA TRP B 348 17.75 3.28 -2.08
C TRP B 348 18.73 4.17 -2.84
N GLY B 349 19.06 5.33 -2.27
CA GLY B 349 20.08 6.15 -2.88
C GLY B 349 21.41 5.43 -3.02
N ILE B 350 21.77 4.63 -2.00
CA ILE B 350 23.02 3.87 -2.03
C ILE B 350 23.00 2.81 -3.14
N ILE B 351 21.93 2.01 -3.19
CA ILE B 351 21.83 1.01 -4.24
C ILE B 351 21.85 1.70 -5.62
N LYS B 352 21.24 2.89 -5.72
CA LYS B 352 21.21 3.65 -6.97
C LYS B 352 22.60 4.07 -7.40
N ASP B 353 23.34 4.69 -6.48
CA ASP B 353 24.70 5.12 -6.74
C ASP B 353 25.60 3.95 -7.08
N LEU B 354 25.34 2.77 -6.50
CA LEU B 354 26.18 1.63 -6.84
C LEU B 354 25.92 1.14 -8.24
N TYR B 355 24.68 1.27 -8.74
CA TYR B 355 24.43 0.95 -10.13
C TYR B 355 24.84 2.07 -11.08
N ILE B 356 24.93 3.31 -10.59
CA ILE B 356 25.28 4.45 -11.45
C ILE B 356 26.78 4.58 -11.64
N VAL B 357 27.58 3.82 -10.91
CA VAL B 357 29.03 3.89 -11.02
C VAL B 357 29.64 2.55 -11.42
CL CL C . -18.09 5.70 4.65
CL CL D . 3.69 -18.93 4.35
#